data_8GQR
#
_entry.id   8GQR
#
_cell.length_a   50.603
_cell.length_b   100.869
_cell.length_c   162.815
_cell.angle_alpha   90.000
_cell.angle_beta   90.000
_cell.angle_gamma   90.000
#
_symmetry.space_group_name_H-M   'P 21 21 21'
#
loop_
_entity.id
_entity.type
_entity.pdbx_description
1 polymer VioD
2 non-polymer 'SULFATE ION'
3 non-polymer GLYCEROL
4 non-polymer 'FLAVIN-ADENINE DINUCLEOTIDE'
5 water water
#
_entity_poly.entity_id   1
_entity_poly.type   'polypeptide(L)'
_entity_poly.pdbx_seq_one_letter_code
;MGSSHHHHHHSSGLVPRGSHMASMKILVIGAGPAGLIFASQMKQAQPGWDISIVEKNTQEEVLGWGVVLPGRPPRHPANP
LSYLEQPERLNPQYLEEFKLVHHDQPNLMSTGVTLCGVERRGLVQALRAKCVAAGIAISYETPPASQAQLEAEYDLVVVA
NGVNHKTLQLPPSLAPQIDFGRNKYIWYGTTQLFDQMNLVFRSNAQGMFIGHAYRYSDTMSTFVVECDEQAYARAELEMR
SERDAAAYIAKVFEAELGGHALVSQPGQGWRNFMTLSRERACEGKFVLIGDALQSGHFSIGHGTTMAVVLALLLVKTLSA
DTDPVAALDNFNARALPLAHLFRDHANSSRLWFESVAERMELSNADLTASFDARRKDLPPLQDALMASLGYALGRLEHHH
HHH
;
_entity_poly.pdbx_strand_id   A,B
#
# COMPACT_ATOMS: atom_id res chain seq x y z
N SER A 23 -15.95 -28.11 31.09
CA SER A 23 -14.90 -28.92 30.49
C SER A 23 -13.75 -28.07 29.93
N MET A 24 -14.02 -26.80 29.59
CA MET A 24 -13.05 -26.01 28.84
C MET A 24 -13.16 -24.53 29.18
N LYS A 25 -12.01 -23.87 29.20
CA LYS A 25 -11.93 -22.43 29.44
C LYS A 25 -11.42 -21.76 28.17
N ILE A 26 -12.34 -21.11 27.44
CA ILE A 26 -12.07 -20.51 26.14
C ILE A 26 -12.03 -19.00 26.32
N LEU A 27 -11.02 -18.36 25.73
CA LEU A 27 -10.96 -16.91 25.62
C LEU A 27 -11.26 -16.48 24.19
N VAL A 28 -12.18 -15.54 24.03
CA VAL A 28 -12.52 -14.94 22.74
C VAL A 28 -11.88 -13.56 22.66
N ILE A 29 -10.98 -13.38 21.71
CA ILE A 29 -10.36 -12.07 21.49
C ILE A 29 -11.12 -11.38 20.37
N GLY A 30 -11.88 -10.33 20.73
CA GLY A 30 -12.61 -9.53 19.76
C GLY A 30 -14.11 -9.64 19.91
N ALA A 31 -14.77 -8.54 20.27
CA ALA A 31 -16.22 -8.56 20.49
C ALA A 31 -16.99 -8.01 19.29
N GLY A 32 -16.69 -8.56 18.11
CA GLY A 32 -17.43 -8.27 16.90
C GLY A 32 -18.21 -9.51 16.50
N PRO A 33 -18.85 -9.49 15.34
CA PRO A 33 -19.79 -10.58 15.01
C PRO A 33 -19.18 -11.97 15.02
N ALA A 34 -17.92 -12.13 14.61
CA ALA A 34 -17.32 -13.47 14.59
C ALA A 34 -17.27 -14.07 15.99
N GLY A 35 -16.57 -13.41 16.91
CA GLY A 35 -16.43 -13.95 18.26
C GLY A 35 -17.69 -13.87 19.08
N LEU A 36 -18.64 -13.00 18.71
CA LEU A 36 -19.91 -12.93 19.43
C LEU A 36 -20.80 -14.10 19.06
N ILE A 37 -20.93 -14.38 17.77
CA ILE A 37 -21.70 -15.53 17.31
C ILE A 37 -21.08 -16.80 17.85
N PHE A 38 -19.74 -16.87 17.87
CA PHE A 38 -19.08 -18.06 18.40
C PHE A 38 -19.36 -18.24 19.88
N ALA A 39 -19.06 -17.22 20.69
CA ALA A 39 -19.21 -17.33 22.13
C ALA A 39 -20.61 -17.77 22.53
N SER A 40 -21.64 -17.14 21.96
CA SER A 40 -23.01 -17.48 22.30
C SER A 40 -23.37 -18.89 21.84
N GLN A 41 -23.09 -19.22 20.58
CA GLN A 41 -23.46 -20.55 20.08
C GLN A 41 -22.66 -21.64 20.76
N MET A 42 -21.42 -21.36 21.15
CA MET A 42 -20.63 -22.35 21.90
C MET A 42 -21.23 -22.59 23.28
N LYS A 43 -21.36 -21.53 24.09
CA LYS A 43 -21.96 -21.68 25.42
C LYS A 43 -23.37 -22.26 25.34
N GLN A 44 -24.08 -22.03 24.23
CA GLN A 44 -25.37 -22.70 24.04
C GLN A 44 -25.19 -24.19 23.81
N ALA A 45 -24.09 -24.59 23.16
CA ALA A 45 -23.81 -26.00 22.97
C ALA A 45 -23.11 -26.62 24.17
N GLN A 46 -22.46 -25.81 25.00
CA GLN A 46 -21.68 -26.29 26.15
C GLN A 46 -21.82 -25.32 27.31
N PRO A 47 -22.97 -25.32 27.99
CA PRO A 47 -23.21 -24.32 29.04
C PRO A 47 -22.23 -24.37 30.20
N GLY A 48 -21.55 -25.50 30.40
CA GLY A 48 -20.61 -25.60 31.51
C GLY A 48 -19.26 -24.97 31.24
N TRP A 49 -18.90 -24.81 29.98
CA TRP A 49 -17.61 -24.22 29.66
C TRP A 49 -17.55 -22.78 30.15
N ASP A 50 -16.31 -22.29 30.31
CA ASP A 50 -16.03 -20.94 30.79
C ASP A 50 -15.60 -20.10 29.60
N ILE A 51 -16.56 -19.40 29.00
CA ILE A 51 -16.31 -18.58 27.82
C ILE A 51 -16.33 -17.11 28.22
N SER A 52 -15.26 -16.40 27.86
CA SER A 52 -15.09 -14.98 28.14
C SER A 52 -14.66 -14.28 26.86
N ILE A 53 -14.96 -12.98 26.78
CA ILE A 53 -14.60 -12.17 25.62
C ILE A 53 -13.87 -10.93 26.10
N VAL A 54 -12.80 -10.56 25.37
CA VAL A 54 -12.07 -9.32 25.61
C VAL A 54 -12.16 -8.47 24.35
N GLU A 55 -12.32 -7.17 24.54
CA GLU A 55 -12.43 -6.24 23.43
C GLU A 55 -11.39 -5.14 23.60
N LYS A 56 -10.65 -4.85 22.52
CA LYS A 56 -9.64 -3.81 22.56
C LYS A 56 -10.24 -2.44 22.84
N ASN A 57 -11.30 -2.07 22.10
CA ASN A 57 -11.87 -0.72 22.12
C ASN A 57 -12.78 -0.51 23.32
N THR A 58 -13.22 0.75 23.49
CA THR A 58 -14.37 1.01 24.34
C THR A 58 -15.60 0.31 23.78
N GLN A 59 -16.60 0.11 24.65
CA GLN A 59 -17.81 -0.57 24.20
C GLN A 59 -18.54 0.24 23.13
N GLU A 60 -18.42 1.57 23.17
CA GLU A 60 -19.21 2.43 22.30
C GLU A 60 -18.67 2.52 20.89
N GLU A 61 -17.39 2.21 20.67
CA GLU A 61 -16.78 2.43 19.36
C GLU A 61 -17.13 1.28 18.42
N VAL A 62 -17.93 1.59 17.41
CA VAL A 62 -18.32 0.61 16.38
C VAL A 62 -18.06 1.23 15.01
N LEU A 63 -17.26 0.54 14.21
CA LEU A 63 -16.89 1.03 12.90
C LEU A 63 -18.03 0.84 11.89
N GLY A 64 -18.11 1.76 10.93
CA GLY A 64 -18.96 1.62 9.77
C GLY A 64 -20.37 2.12 10.00
N TRP A 65 -21.19 1.93 8.98
CA TRP A 65 -22.54 2.47 9.02
C TRP A 65 -23.55 1.32 8.99
N GLY A 66 -24.00 0.93 7.80
CA GLY A 66 -24.82 -0.25 7.65
C GLY A 66 -24.08 -1.35 6.92
N VAL A 67 -24.62 -2.57 7.02
CA VAL A 67 -24.10 -3.71 6.30
C VAL A 67 -25.28 -4.47 5.71
N VAL A 68 -25.05 -5.10 4.55
CA VAL A 68 -26.05 -5.93 3.90
C VAL A 68 -25.76 -7.40 4.22
N LEU A 69 -26.81 -8.14 4.52
CA LEU A 69 -26.73 -9.51 5.00
C LEU A 69 -27.66 -10.41 4.20
N PRO A 70 -27.36 -11.72 4.09
CA PRO A 70 -28.16 -12.60 3.22
C PRO A 70 -29.44 -13.10 3.86
N GLY A 71 -30.56 -12.92 3.14
CA GLY A 71 -31.80 -13.57 3.52
C GLY A 71 -32.47 -12.91 4.71
N ARG A 72 -33.60 -13.44 5.05
CA ARG A 72 -34.23 -12.85 6.20
C ARG A 72 -34.06 -13.75 7.42
N PRO A 73 -34.00 -13.15 8.61
CA PRO A 73 -34.11 -13.95 9.83
C PRO A 73 -35.52 -14.44 10.02
N PRO A 74 -35.73 -15.55 10.73
CA PRO A 74 -34.67 -16.40 11.29
C PRO A 74 -34.33 -17.60 10.43
N ARG A 75 -34.85 -17.65 9.19
CA ARG A 75 -34.70 -18.85 8.37
C ARG A 75 -33.31 -19.03 7.76
N HIS A 76 -32.51 -17.97 7.63
CA HIS A 76 -31.25 -18.04 6.90
C HIS A 76 -30.09 -18.17 7.88
N PRO A 77 -29.42 -19.31 7.97
CA PRO A 77 -28.52 -19.55 9.12
C PRO A 77 -27.21 -18.77 9.06
N ALA A 78 -26.84 -18.20 7.92
CA ALA A 78 -25.64 -17.40 7.81
C ALA A 78 -25.85 -15.93 8.19
N ASN A 79 -27.11 -15.50 8.37
CA ASN A 79 -27.43 -14.12 8.73
C ASN A 79 -27.36 -13.96 10.25
N PRO A 80 -26.50 -13.09 10.78
CA PRO A 80 -26.38 -12.98 12.25
C PRO A 80 -27.67 -12.56 12.92
N LEU A 81 -28.58 -11.88 12.22
CA LEU A 81 -29.88 -11.56 12.79
C LEU A 81 -30.67 -12.82 13.18
N SER A 82 -30.40 -13.94 12.51
CA SER A 82 -31.08 -15.20 12.82
C SER A 82 -30.78 -15.70 14.23
N TYR A 83 -29.86 -15.05 14.95
CA TYR A 83 -29.45 -15.47 16.29
C TYR A 83 -29.86 -14.46 17.34
N LEU A 84 -30.61 -13.44 16.96
CA LEU A 84 -31.20 -12.48 17.88
C LEU A 84 -32.66 -12.82 18.02
N GLU A 85 -33.20 -12.66 19.22
CA GLU A 85 -34.57 -13.07 19.46
C GLU A 85 -35.56 -12.15 18.75
N GLN A 86 -35.33 -10.84 18.77
CA GLN A 86 -36.20 -9.85 18.13
C GLN A 86 -35.39 -9.01 17.15
N PRO A 87 -35.01 -9.56 16.00
CA PRO A 87 -34.17 -8.79 15.07
C PRO A 87 -34.86 -7.56 14.53
N GLU A 88 -36.19 -7.55 14.47
CA GLU A 88 -36.89 -6.41 13.91
C GLU A 88 -36.70 -5.16 14.76
N ARG A 89 -36.24 -5.32 16.01
CA ARG A 89 -35.95 -4.17 16.84
C ARG A 89 -34.67 -3.47 16.41
N LEU A 90 -33.89 -4.05 15.51
CA LEU A 90 -32.76 -3.34 14.92
C LEU A 90 -33.14 -2.59 13.64
N ASN A 91 -34.44 -2.52 13.34
CA ASN A 91 -34.92 -1.79 12.18
C ASN A 91 -34.28 -2.26 10.86
N PRO A 92 -34.13 -3.57 10.62
CA PRO A 92 -33.47 -4.01 9.39
C PRO A 92 -34.33 -3.70 8.18
N GLN A 93 -33.68 -3.57 7.02
CA GLN A 93 -34.40 -3.28 5.79
C GLN A 93 -34.18 -4.41 4.79
N TYR A 94 -35.26 -4.87 4.20
CA TYR A 94 -35.22 -5.98 3.28
C TYR A 94 -35.30 -5.55 1.84
N LEU A 95 -34.24 -5.75 1.12
CA LEU A 95 -34.13 -5.33 -0.26
C LEU A 95 -34.34 -6.45 -1.29
N GLU A 96 -35.11 -6.18 -2.32
CA GLU A 96 -35.46 -7.16 -3.31
C GLU A 96 -35.01 -6.80 -4.71
N GLU A 97 -34.46 -5.62 -4.85
CA GLU A 97 -34.00 -5.17 -6.13
C GLU A 97 -32.55 -4.70 -6.17
N PHE A 98 -31.89 -4.92 -7.28
CA PHE A 98 -30.52 -4.49 -7.51
C PHE A 98 -30.56 -3.46 -8.63
N LYS A 99 -29.95 -2.30 -8.42
CA LYS A 99 -29.98 -1.22 -9.38
C LYS A 99 -28.55 -0.87 -9.79
N LEU A 100 -28.20 -1.12 -11.04
CA LEU A 100 -26.89 -0.79 -11.56
C LEU A 100 -27.03 0.42 -12.47
N VAL A 101 -26.34 1.51 -12.13
CA VAL A 101 -26.49 2.76 -12.85
C VAL A 101 -25.20 2.98 -13.65
N HIS A 102 -25.34 3.15 -14.96
CA HIS A 102 -24.21 3.40 -15.85
C HIS A 102 -24.66 4.42 -16.88
N HIS A 103 -23.87 5.48 -17.07
CA HIS A 103 -24.26 6.61 -17.94
C HIS A 103 -25.67 7.11 -17.62
N ASP A 104 -26.00 7.12 -16.33
CA ASP A 104 -27.30 7.50 -15.76
C ASP A 104 -28.41 6.51 -16.07
N GLN A 105 -28.14 5.46 -16.83
CA GLN A 105 -29.31 4.60 -17.02
C GLN A 105 -29.39 3.58 -15.90
N PRO A 106 -30.54 3.42 -15.27
CA PRO A 106 -30.68 2.34 -14.31
C PRO A 106 -30.98 1.02 -15.00
N ASN A 107 -30.47 -0.04 -14.40
CA ASN A 107 -30.84 -1.40 -14.77
C ASN A 107 -31.33 -2.05 -13.48
N LEU A 108 -32.60 -2.44 -13.48
CA LEU A 108 -33.26 -2.97 -12.29
C LEU A 108 -33.39 -4.49 -12.44
N MET A 109 -32.88 -5.23 -11.45
CA MET A 109 -33.01 -6.68 -11.44
C MET A 109 -33.50 -7.13 -10.09
N SER A 110 -34.11 -8.31 -10.08
CA SER A 110 -34.36 -8.96 -8.82
C SER A 110 -33.04 -9.32 -8.16
N THR A 111 -33.03 -9.35 -6.85
CA THR A 111 -31.85 -9.84 -6.18
C THR A 111 -32.16 -11.31 -6.13
N GLY A 112 -31.16 -12.13 -5.95
CA GLY A 112 -31.49 -13.53 -5.83
C GLY A 112 -32.05 -13.88 -4.49
N VAL A 113 -31.48 -13.32 -3.48
CA VAL A 113 -31.98 -13.54 -2.19
C VAL A 113 -32.34 -12.19 -1.67
N THR A 114 -33.25 -12.13 -0.73
CA THR A 114 -33.55 -10.90 -0.10
C THR A 114 -32.26 -10.37 0.53
N LEU A 115 -31.99 -9.12 0.32
CA LEU A 115 -30.86 -8.51 0.96
C LEU A 115 -31.29 -7.80 2.24
N CYS A 116 -30.55 -8.00 3.28
CA CYS A 116 -30.89 -7.41 4.56
C CYS A 116 -29.94 -6.36 5.10
N GLY A 117 -30.35 -5.13 5.00
CA GLY A 117 -29.54 -4.04 5.50
C GLY A 117 -29.85 -3.80 6.96
N VAL A 118 -28.81 -3.58 7.76
CA VAL A 118 -29.01 -3.30 9.17
C VAL A 118 -27.85 -2.44 9.65
N GLU A 119 -28.11 -1.60 10.65
CA GLU A 119 -27.05 -0.81 11.24
C GLU A 119 -26.02 -1.71 11.89
N ARG A 120 -24.75 -1.43 11.61
CA ARG A 120 -23.67 -2.25 12.17
C ARG A 120 -23.60 -2.10 13.69
N ARG A 121 -23.82 -0.88 14.20
CA ARG A 121 -23.76 -0.65 15.65
C ARG A 121 -24.84 -1.43 16.39
N GLY A 122 -26.10 -1.28 15.98
CA GLY A 122 -27.16 -2.01 16.67
C GLY A 122 -26.96 -3.51 16.59
N LEU A 123 -26.43 -4.01 15.48
CA LEU A 123 -26.18 -5.43 15.36
C LEU A 123 -25.10 -5.89 16.35
N VAL A 124 -24.01 -5.13 16.44
CA VAL A 124 -22.93 -5.51 17.34
C VAL A 124 -23.41 -5.48 18.80
N GLN A 125 -24.11 -4.42 19.19
CA GLN A 125 -24.50 -4.29 20.60
C GLN A 125 -25.60 -5.29 20.98
N ALA A 126 -26.52 -5.61 20.07
CA ALA A 126 -27.49 -6.67 20.35
C ALA A 126 -26.79 -8.01 20.52
N LEU A 127 -25.77 -8.28 19.70
CA LEU A 127 -25.03 -9.54 19.83
C LEU A 127 -24.24 -9.59 21.14
N ARG A 128 -23.68 -8.45 21.56
CA ARG A 128 -22.98 -8.42 22.85
C ARG A 128 -23.96 -8.67 23.98
N ALA A 129 -25.08 -7.93 23.99
CA ALA A 129 -26.12 -8.15 24.99
C ALA A 129 -26.58 -9.60 25.03
N LYS A 130 -26.67 -10.25 23.87
CA LYS A 130 -27.07 -11.66 23.87
C LYS A 130 -26.06 -12.51 24.62
N CYS A 131 -24.77 -12.19 24.48
CA CYS A 131 -23.71 -12.97 25.10
C CYS A 131 -23.69 -12.75 26.60
N VAL A 132 -23.86 -11.51 27.03
CA VAL A 132 -23.88 -11.19 28.46
C VAL A 132 -25.04 -11.93 29.14
N ALA A 133 -26.22 -11.91 28.52
CA ALA A 133 -27.37 -12.60 29.08
C ALA A 133 -27.19 -14.11 29.15
N ALA A 134 -26.26 -14.67 28.35
CA ALA A 134 -25.93 -16.09 28.39
C ALA A 134 -24.84 -16.40 29.41
N GLY A 135 -24.39 -15.40 30.16
CA GLY A 135 -23.33 -15.62 31.12
C GLY A 135 -21.94 -15.38 30.60
N ILE A 136 -21.80 -14.82 29.41
CA ILE A 136 -20.50 -14.60 28.79
C ILE A 136 -20.03 -13.19 29.09
N ALA A 137 -18.94 -13.07 29.84
CA ALA A 137 -18.43 -11.77 30.21
C ALA A 137 -17.69 -11.16 29.03
N ILE A 138 -17.82 -9.84 28.89
CA ILE A 138 -17.09 -9.07 27.88
C ILE A 138 -16.42 -7.91 28.59
N SER A 139 -15.09 -7.93 28.63
CA SER A 139 -14.32 -6.83 29.18
C SER A 139 -13.84 -5.93 28.06
N TYR A 140 -13.96 -4.62 28.27
CA TYR A 140 -13.62 -3.64 27.27
C TYR A 140 -12.31 -2.94 27.61
N GLU A 141 -11.66 -2.43 26.56
CA GLU A 141 -10.38 -1.71 26.68
C GLU A 141 -9.31 -2.59 27.31
N THR A 142 -9.37 -3.89 27.05
CA THR A 142 -8.42 -4.82 27.61
C THR A 142 -7.01 -4.47 27.16
N PRO A 143 -6.01 -4.76 27.98
CA PRO A 143 -4.63 -4.53 27.57
C PRO A 143 -4.09 -5.74 26.84
N PRO A 144 -3.02 -5.57 26.06
CA PRO A 144 -2.44 -6.73 25.37
C PRO A 144 -1.84 -7.72 26.34
N ALA A 145 -1.92 -9.00 25.99
CA ALA A 145 -1.39 -10.08 26.81
C ALA A 145 -0.36 -10.86 26.02
N SER A 146 0.69 -11.33 26.69
CA SER A 146 1.68 -12.18 26.03
C SER A 146 0.96 -13.36 25.40
N GLN A 147 1.58 -13.95 24.38
CA GLN A 147 1.14 -15.26 23.95
C GLN A 147 1.30 -16.27 25.07
N ALA A 148 2.41 -16.18 25.81
CA ALA A 148 2.65 -17.06 26.94
C ALA A 148 1.61 -16.88 28.04
N GLN A 149 1.26 -15.62 28.36
CA GLN A 149 0.23 -15.40 29.37
C GLN A 149 -1.07 -16.11 29.01
N LEU A 150 -1.44 -16.12 27.73
CA LEU A 150 -2.75 -16.63 27.35
C LEU A 150 -2.78 -18.16 27.35
N GLU A 151 -1.70 -18.80 26.90
CA GLU A 151 -1.76 -20.26 26.85
C GLU A 151 -1.59 -20.89 28.22
N ALA A 152 -0.96 -20.19 29.17
CA ALA A 152 -1.05 -20.61 30.56
C ALA A 152 -2.45 -20.38 31.11
N GLU A 153 -3.06 -19.24 30.75
CA GLU A 153 -4.32 -18.81 31.33
C GLU A 153 -5.54 -19.53 30.77
N TYR A 154 -5.45 -20.15 29.59
CA TYR A 154 -6.63 -20.66 28.90
C TYR A 154 -6.31 -21.98 28.22
N ASP A 155 -7.38 -22.74 27.91
CA ASP A 155 -7.23 -23.97 27.16
C ASP A 155 -7.34 -23.74 25.65
N LEU A 156 -8.10 -22.73 25.22
CA LEU A 156 -8.26 -22.39 23.82
C LEU A 156 -8.41 -20.88 23.73
N VAL A 157 -7.81 -20.28 22.70
CA VAL A 157 -7.90 -18.83 22.47
C VAL A 157 -8.47 -18.62 21.07
N VAL A 158 -9.76 -18.27 21.01
CA VAL A 158 -10.44 -17.96 19.75
C VAL A 158 -10.05 -16.54 19.33
N VAL A 159 -9.31 -16.43 18.24
CA VAL A 159 -8.87 -15.13 17.74
C VAL A 159 -9.90 -14.63 16.73
N ALA A 160 -10.57 -13.54 17.07
CA ALA A 160 -11.65 -12.99 16.27
C ALA A 160 -11.59 -11.47 16.32
N ASN A 161 -10.39 -10.91 16.21
CA ASN A 161 -10.16 -9.48 16.35
C ASN A 161 -10.20 -8.72 15.02
N GLY A 162 -10.77 -9.31 13.96
CA GLY A 162 -10.87 -8.56 12.73
C GLY A 162 -9.48 -8.30 12.16
N VAL A 163 -9.44 -7.42 11.16
CA VAL A 163 -8.16 -7.02 10.58
C VAL A 163 -7.56 -5.88 11.38
N LEU A 168 -0.87 -8.37 16.69
CA LEU A 168 -0.88 -9.19 17.91
C LEU A 168 -0.02 -10.45 17.77
N GLN A 169 0.34 -11.03 18.92
CA GLN A 169 1.33 -12.08 19.05
C GLN A 169 0.70 -13.47 18.85
N LEU A 170 1.17 -14.22 17.87
CA LEU A 170 0.61 -15.53 17.59
C LEU A 170 1.71 -16.47 17.09
N PRO A 171 1.48 -17.78 17.15
CA PRO A 171 2.46 -18.75 16.63
C PRO A 171 2.92 -18.40 15.23
N PRO A 172 4.22 -18.53 14.94
CA PRO A 172 4.74 -18.15 13.61
C PRO A 172 4.01 -18.72 12.42
N SER A 173 3.46 -19.93 12.51
CA SER A 173 2.78 -20.56 11.37
C SER A 173 1.41 -19.97 11.09
N LEU A 174 0.94 -19.06 11.93
CA LEU A 174 -0.29 -18.31 11.72
C LEU A 174 -0.03 -16.95 11.09
N ALA A 175 1.21 -16.69 10.66
CA ALA A 175 1.56 -15.37 10.19
C ALA A 175 0.73 -15.00 8.96
N PRO A 176 0.35 -13.73 8.80
CA PRO A 176 -0.57 -13.35 7.73
C PRO A 176 0.13 -12.96 6.43
N GLN A 177 -0.58 -13.16 5.32
CA GLN A 177 -0.24 -12.58 4.04
C GLN A 177 -1.17 -11.39 3.82
N ILE A 178 -0.59 -10.23 3.59
CA ILE A 178 -1.35 -8.98 3.47
C ILE A 178 -1.27 -8.50 2.04
N ASP A 179 -2.40 -8.02 1.52
CA ASP A 179 -2.48 -7.48 0.17
C ASP A 179 -3.33 -6.21 0.25
N PHE A 180 -2.85 -5.13 -0.35
CA PHE A 180 -3.59 -3.87 -0.39
C PHE A 180 -4.15 -3.68 -1.79
N GLY A 181 -5.46 -3.42 -1.87
CA GLY A 181 -6.08 -3.21 -3.15
C GLY A 181 -5.64 -1.90 -3.79
N ARG A 182 -5.85 -1.81 -5.10
CA ARG A 182 -5.38 -0.65 -5.85
C ARG A 182 -6.29 0.55 -5.64
N ASN A 183 -7.61 0.33 -5.63
CA ASN A 183 -8.56 1.42 -5.44
C ASN A 183 -8.48 1.95 -4.01
N LYS A 184 -8.82 3.22 -3.85
CA LYS A 184 -9.07 3.79 -2.53
C LYS A 184 -10.56 3.76 -2.27
N TYR A 185 -10.95 3.52 -1.01
CA TYR A 185 -12.36 3.52 -0.66
C TYR A 185 -12.57 4.25 0.66
N ILE A 186 -13.80 4.74 0.85
CA ILE A 186 -14.24 5.34 2.10
C ILE A 186 -15.70 4.95 2.35
N TRP A 187 -16.02 4.68 3.61
CA TRP A 187 -17.35 4.23 4.06
C TRP A 187 -18.17 5.44 4.51
N TYR A 188 -19.06 5.92 3.67
CA TYR A 188 -19.90 7.02 4.05
C TYR A 188 -21.26 6.53 4.55
N GLY A 189 -21.89 7.35 5.37
CA GLY A 189 -23.32 7.25 5.62
C GLY A 189 -24.01 8.42 4.95
N THR A 190 -25.31 8.29 4.69
CA THR A 190 -26.10 9.37 4.11
C THR A 190 -27.57 9.14 4.46
N THR A 191 -28.31 10.25 4.58
CA THR A 191 -29.75 10.18 4.77
C THR A 191 -30.52 10.05 3.44
N GLN A 192 -29.84 10.05 2.30
CA GLN A 192 -30.51 9.63 1.08
C GLN A 192 -30.89 8.15 1.21
N LEU A 193 -32.13 7.83 0.87
CA LEU A 193 -32.64 6.48 1.03
C LEU A 193 -32.50 5.73 -0.29
N PHE A 194 -31.72 4.66 -0.28
CA PHE A 194 -31.46 3.86 -1.47
C PHE A 194 -32.27 2.57 -1.32
N ASP A 195 -33.47 2.57 -1.89
CA ASP A 195 -34.42 1.48 -1.64
C ASP A 195 -33.99 0.19 -2.31
N GLN A 196 -33.16 0.29 -3.34
CA GLN A 196 -32.54 -0.86 -3.96
C GLN A 196 -31.07 -0.92 -3.57
N MET A 197 -30.52 -2.13 -3.66
CA MET A 197 -29.08 -2.26 -3.70
C MET A 197 -28.58 -1.50 -4.93
N ASN A 198 -27.85 -0.41 -4.71
CA ASN A 198 -27.38 0.42 -5.80
C ASN A 198 -25.90 0.16 -6.06
N LEU A 199 -25.56 0.11 -7.33
CA LEU A 199 -24.18 0.05 -7.78
C LEU A 199 -24.07 1.09 -8.87
N VAL A 200 -23.35 2.18 -8.59
CA VAL A 200 -23.38 3.37 -9.43
C VAL A 200 -21.98 3.59 -9.99
N PHE A 201 -21.88 3.72 -11.31
CA PHE A 201 -20.63 4.07 -11.98
C PHE A 201 -20.72 5.50 -12.49
N ARG A 202 -19.77 6.34 -12.09
CA ARG A 202 -19.69 7.70 -12.60
CA ARG A 202 -19.68 7.72 -12.55
C ARG A 202 -18.24 8.02 -12.97
N SER A 203 -18.07 8.47 -14.22
CA SER A 203 -16.78 8.82 -14.80
C SER A 203 -16.63 10.33 -14.82
N ASN A 204 -15.51 10.82 -14.29
CA ASN A 204 -15.21 12.23 -14.12
C ASN A 204 -14.11 12.68 -15.08
N ALA A 205 -13.99 14.00 -15.23
CA ALA A 205 -12.75 14.55 -15.74
C ALA A 205 -11.56 14.12 -14.88
N GLN A 206 -11.79 13.74 -13.62
CA GLN A 206 -10.73 13.27 -12.74
C GLN A 206 -10.52 11.76 -12.81
N GLY A 207 -11.58 10.99 -13.05
CA GLY A 207 -11.41 9.54 -13.11
C GLY A 207 -12.72 8.80 -12.87
N MET A 208 -12.57 7.54 -12.51
CA MET A 208 -13.68 6.61 -12.33
C MET A 208 -14.03 6.50 -10.85
N PHE A 209 -15.30 6.75 -10.52
CA PHE A 209 -15.82 6.60 -9.16
C PHE A 209 -16.95 5.57 -9.13
N ILE A 210 -16.93 4.72 -8.11
CA ILE A 210 -17.93 3.65 -7.95
C ILE A 210 -18.60 3.82 -6.60
N GLY A 211 -19.93 3.85 -6.60
CA GLY A 211 -20.70 3.96 -5.38
C GLY A 211 -21.42 2.65 -5.11
N HIS A 212 -21.31 2.17 -3.88
CA HIS A 212 -22.10 1.04 -3.41
C HIS A 212 -23.03 1.56 -2.32
N ALA A 213 -24.34 1.51 -2.57
CA ALA A 213 -25.30 2.24 -1.76
C ALA A 213 -26.55 1.41 -1.52
N TYR A 214 -27.06 1.47 -0.29
CA TYR A 214 -28.24 0.71 0.10
C TYR A 214 -28.73 1.22 1.45
N ARG A 215 -30.05 1.25 1.58
CA ARG A 215 -30.68 1.66 2.83
C ARG A 215 -30.56 0.55 3.86
N TYR A 216 -30.30 0.91 5.12
CA TYR A 216 -30.27 -0.04 6.21
C TYR A 216 -31.15 0.31 7.41
N SER A 217 -31.82 1.46 7.40
CA SER A 217 -32.71 1.86 8.51
C SER A 217 -33.81 2.72 7.92
N ASP A 218 -34.71 3.21 8.79
CA ASP A 218 -35.72 4.15 8.32
C ASP A 218 -35.09 5.38 7.68
N THR A 219 -33.89 5.79 8.13
CA THR A 219 -33.34 7.08 7.78
C THR A 219 -31.96 7.06 7.12
N MET A 220 -31.25 5.95 7.13
CA MET A 220 -29.85 5.95 6.72
C MET A 220 -29.58 4.88 5.68
N SER A 221 -28.64 5.21 4.78
CA SER A 221 -28.07 4.31 3.80
C SER A 221 -26.56 4.27 3.97
N THR A 222 -25.97 3.10 3.73
CA THR A 222 -24.55 3.01 3.48
C THR A 222 -24.26 3.58 2.09
N PHE A 223 -23.12 4.29 1.96
CA PHE A 223 -22.67 4.80 0.67
C PHE A 223 -21.15 4.64 0.61
N VAL A 224 -20.69 3.49 0.12
CA VAL A 224 -19.26 3.22 -0.02
C VAL A 224 -18.79 3.68 -1.40
N VAL A 225 -17.77 4.54 -1.41
CA VAL A 225 -17.19 5.05 -2.65
C VAL A 225 -15.78 4.50 -2.77
N GLU A 226 -15.48 3.86 -3.89
CA GLU A 226 -14.09 3.58 -4.24
C GLU A 226 -13.73 4.27 -5.55
N CYS A 227 -12.46 4.68 -5.67
CA CYS A 227 -11.99 5.16 -6.95
C CYS A 227 -10.60 4.62 -7.21
N ASP A 228 -10.31 4.50 -8.50
CA ASP A 228 -9.02 4.58 -9.17
C ASP A 228 -7.98 5.36 -8.40
N GLU A 229 -6.74 4.83 -8.27
CA GLU A 229 -5.69 5.63 -7.64
C GLU A 229 -5.33 6.88 -8.44
N GLN A 230 -5.61 6.88 -9.74
CA GLN A 230 -5.40 8.10 -10.52
C GLN A 230 -6.53 9.10 -10.30
N ALA A 231 -7.78 8.63 -10.19
CA ALA A 231 -8.86 9.52 -9.80
C ALA A 231 -8.61 10.10 -8.41
N TYR A 232 -8.12 9.28 -7.49
CA TYR A 232 -7.80 9.79 -6.15
C TYR A 232 -6.77 10.90 -6.24
N ALA A 233 -5.80 10.77 -7.14
CA ALA A 233 -4.77 11.79 -7.26
C ALA A 233 -5.29 13.03 -7.98
N ARG A 234 -6.03 12.86 -9.09
CA ARG A 234 -6.47 14.01 -9.86
C ARG A 234 -7.55 14.81 -9.12
N ALA A 235 -8.44 14.12 -8.41
CA ALA A 235 -9.40 14.81 -7.54
C ALA A 235 -8.75 15.41 -6.29
N GLU A 236 -7.45 15.20 -6.09
CA GLU A 236 -6.71 15.77 -4.97
C GLU A 236 -7.35 15.40 -3.63
N LEU A 237 -7.80 14.16 -3.51
CA LEU A 237 -8.56 13.74 -2.34
C LEU A 237 -7.70 13.68 -1.08
N GLU A 238 -6.41 13.37 -1.20
CA GLU A 238 -5.57 13.34 -0.01
C GLU A 238 -5.32 14.74 0.53
N MET A 239 -5.32 15.76 -0.33
CA MET A 239 -5.05 17.13 0.14
C MET A 239 -6.29 17.81 0.69
N ARG A 240 -7.46 17.48 0.16
CA ARG A 240 -8.69 18.15 0.60
C ARG A 240 -8.99 17.84 2.05
N SER A 241 -9.67 18.77 2.73
CA SER A 241 -10.27 18.43 4.02
C SER A 241 -11.32 17.34 3.84
N GLU A 242 -11.58 16.60 4.91
CA GLU A 242 -12.69 15.65 4.93
C GLU A 242 -13.98 16.30 4.43
N ARG A 243 -14.29 17.51 4.91
CA ARG A 243 -15.51 18.18 4.46
C ARG A 243 -15.45 18.49 2.98
N ASP A 244 -14.29 18.94 2.48
CA ASP A 244 -14.12 19.23 1.06
C ASP A 244 -14.23 17.97 0.23
N ALA A 245 -13.60 16.88 0.67
CA ALA A 245 -13.64 15.64 -0.10
C ALA A 245 -15.05 15.08 -0.18
N ALA A 246 -15.78 15.14 0.92
CA ALA A 246 -17.15 14.64 0.94
C ALA A 246 -18.06 15.47 0.04
N ALA A 247 -17.89 16.79 0.03
CA ALA A 247 -18.70 17.65 -0.83
C ALA A 247 -18.38 17.38 -2.30
N TYR A 248 -17.09 17.18 -2.63
CA TYR A 248 -16.73 16.81 -3.99
C TYR A 248 -17.37 15.48 -4.40
N ILE A 249 -17.28 14.46 -3.55
CA ILE A 249 -17.86 13.17 -3.92
C ILE A 249 -19.37 13.26 -3.98
N ALA A 250 -19.99 14.01 -3.06
CA ALA A 250 -21.44 14.18 -3.12
C ALA A 250 -21.85 14.87 -4.42
N LYS A 251 -21.02 15.79 -4.91
CA LYS A 251 -21.30 16.43 -6.19
C LYS A 251 -21.18 15.44 -7.34
N VAL A 252 -20.12 14.61 -7.33
CA VAL A 252 -19.97 13.56 -8.34
C VAL A 252 -21.22 12.70 -8.41
N PHE A 253 -21.75 12.31 -7.26
CA PHE A 253 -22.96 11.50 -7.20
C PHE A 253 -24.21 12.34 -6.95
N GLU A 254 -24.22 13.57 -7.48
CA GLU A 254 -25.35 14.48 -7.34
C GLU A 254 -26.68 13.83 -7.74
N ALA A 255 -26.69 13.05 -8.81
CA ALA A 255 -27.94 12.48 -9.30
C ALA A 255 -28.48 11.39 -8.38
N GLU A 256 -27.60 10.70 -7.67
CA GLU A 256 -28.04 9.65 -6.76
C GLU A 256 -28.36 10.20 -5.37
N LEU A 257 -27.73 11.31 -4.95
CA LEU A 257 -27.85 11.74 -3.56
C LEU A 257 -28.87 12.86 -3.34
N GLY A 258 -29.26 13.57 -4.38
CA GLY A 258 -30.26 14.63 -4.22
C GLY A 258 -30.06 15.59 -3.07
N GLY A 259 -28.91 16.25 -2.98
CA GLY A 259 -28.69 17.23 -1.95
C GLY A 259 -28.24 16.69 -0.61
N HIS A 260 -28.40 15.38 -0.35
CA HIS A 260 -27.95 14.81 0.90
C HIS A 260 -26.44 14.74 0.93
N ALA A 261 -25.86 15.13 2.07
CA ALA A 261 -24.41 15.11 2.23
C ALA A 261 -23.93 13.68 2.50
N LEU A 262 -22.62 13.56 2.67
CA LEU A 262 -21.94 12.33 3.01
C LEU A 262 -21.19 12.52 4.32
N VAL A 263 -21.22 11.52 5.19
CA VAL A 263 -20.60 11.62 6.49
C VAL A 263 -19.76 10.37 6.73
N SER A 264 -18.53 10.58 7.17
CA SER A 264 -17.67 9.48 7.55
C SER A 264 -17.55 9.45 9.09
N GLN A 265 -17.03 8.36 9.57
CA GLN A 265 -16.75 8.28 10.99
C GLN A 265 -15.38 8.89 11.30
N PRO A 266 -15.22 9.47 12.49
CA PRO A 266 -13.92 10.04 12.87
C PRO A 266 -12.79 9.03 12.67
N GLY A 267 -11.73 9.48 12.00
CA GLY A 267 -10.56 8.65 11.74
C GLY A 267 -10.76 7.55 10.72
N GLN A 268 -11.89 7.53 10.02
CA GLN A 268 -12.16 6.47 9.05
C GLN A 268 -12.21 7.06 7.65
N GLY A 269 -11.04 7.49 7.18
CA GLY A 269 -10.91 8.14 5.89
C GLY A 269 -10.67 7.15 4.78
N TRP A 270 -10.12 7.66 3.68
CA TRP A 270 -9.86 6.85 2.49
C TRP A 270 -8.81 5.79 2.76
N ARG A 271 -9.05 4.56 2.29
CA ARG A 271 -8.11 3.46 2.50
C ARG A 271 -8.03 2.56 1.28
N ASN A 272 -6.95 1.78 1.23
CA ASN A 272 -6.85 0.66 0.32
C ASN A 272 -7.31 -0.58 1.07
N PHE A 273 -8.20 -1.35 0.45
CA PHE A 273 -8.73 -2.51 1.15
C PHE A 273 -7.61 -3.50 1.42
N MET A 274 -7.54 -3.96 2.67
CA MET A 274 -6.52 -4.88 3.11
C MET A 274 -7.09 -6.29 3.12
N THR A 275 -6.58 -7.13 2.22
CA THR A 275 -6.99 -8.53 2.14
C THR A 275 -5.97 -9.34 2.92
N LEU A 276 -6.42 -9.89 4.05
CA LEU A 276 -5.58 -10.67 4.95
C LEU A 276 -5.94 -12.14 4.80
N SER A 277 -4.93 -12.96 4.52
CA SER A 277 -5.11 -14.39 4.35
C SER A 277 -4.13 -15.10 5.26
N ARG A 278 -4.33 -16.39 5.44
CA ARG A 278 -3.45 -17.20 6.27
C ARG A 278 -3.32 -18.59 5.68
N GLU A 279 -2.20 -19.24 5.96
CA GLU A 279 -1.95 -20.57 5.43
C GLU A 279 -2.38 -21.68 6.37
N ARG A 280 -2.64 -21.36 7.64
CA ARG A 280 -3.27 -22.30 8.55
C ARG A 280 -4.30 -21.53 9.40
N ALA A 281 -5.38 -22.22 9.77
CA ALA A 281 -6.43 -21.64 10.59
C ALA A 281 -6.15 -21.71 12.09
N CYS A 282 -5.28 -22.62 12.53
CA CYS A 282 -5.02 -22.76 13.95
C CYS A 282 -3.67 -23.43 14.17
N GLU A 283 -2.94 -22.95 15.17
CA GLU A 283 -1.67 -23.51 15.60
C GLU A 283 -1.67 -23.59 17.11
N GLY A 284 -1.63 -24.82 17.65
CA GLY A 284 -1.64 -25.02 19.08
C GLY A 284 -2.98 -24.78 19.72
N LYS A 285 -3.06 -23.82 20.64
CA LYS A 285 -4.33 -23.46 21.25
C LYS A 285 -4.83 -22.09 20.78
N PHE A 286 -4.41 -21.67 19.59
CA PHE A 286 -4.93 -20.47 18.95
C PHE A 286 -5.63 -20.87 17.66
N VAL A 287 -6.87 -20.43 17.51
CA VAL A 287 -7.66 -20.71 16.31
C VAL A 287 -8.35 -19.41 15.87
N LEU A 288 -8.40 -19.18 14.56
CA LEU A 288 -8.84 -17.91 13.99
C LEU A 288 -10.18 -18.03 13.28
N ILE A 289 -11.03 -17.00 13.46
CA ILE A 289 -12.32 -16.92 12.79
C ILE A 289 -12.57 -15.48 12.35
N GLY A 290 -13.42 -15.33 11.32
CA GLY A 290 -13.83 -14.01 10.93
C GLY A 290 -12.84 -13.36 9.98
N ASP A 291 -12.86 -12.03 9.97
CA ASP A 291 -11.88 -11.27 9.19
C ASP A 291 -10.46 -11.59 9.61
N ALA A 292 -10.26 -11.98 10.88
CA ALA A 292 -8.92 -12.31 11.34
C ALA A 292 -8.37 -13.55 10.65
N LEU A 293 -9.25 -14.46 10.24
CA LEU A 293 -8.82 -15.62 9.47
C LEU A 293 -8.77 -15.29 7.99
N GLN A 294 -9.72 -14.52 7.49
CA GLN A 294 -9.72 -14.15 6.08
C GLN A 294 -10.62 -12.95 5.87
N SER A 295 -10.05 -11.82 5.48
CA SER A 295 -10.85 -10.71 4.98
C SER A 295 -11.00 -10.80 3.47
N GLY A 296 -12.00 -10.10 2.94
CA GLY A 296 -12.23 -10.09 1.50
C GLY A 296 -12.98 -8.84 1.12
N HIS A 297 -12.70 -8.34 -0.08
CA HIS A 297 -13.27 -7.07 -0.54
C HIS A 297 -14.77 -7.03 -0.31
N PHE A 298 -15.26 -5.84 0.08
CA PHE A 298 -16.65 -5.63 0.44
C PHE A 298 -17.59 -5.66 -0.76
N SER A 299 -17.07 -5.72 -2.00
CA SER A 299 -17.93 -5.65 -3.17
C SER A 299 -18.67 -6.95 -3.45
N ILE A 300 -18.48 -7.99 -2.64
CA ILE A 300 -19.39 -9.13 -2.62
C ILE A 300 -20.18 -9.23 -1.33
N GLY A 301 -20.00 -8.29 -0.40
CA GLY A 301 -20.85 -8.24 0.81
C GLY A 301 -20.95 -9.54 1.59
N HIS A 302 -19.83 -10.24 1.73
CA HIS A 302 -19.86 -11.53 2.42
C HIS A 302 -19.11 -11.54 3.74
N GLY A 303 -18.55 -10.41 4.18
CA GLY A 303 -17.68 -10.42 5.35
C GLY A 303 -18.36 -10.93 6.61
N THR A 304 -19.53 -10.36 6.95
CA THR A 304 -20.21 -10.81 8.16
C THR A 304 -20.81 -12.20 7.96
N THR A 305 -21.15 -12.55 6.72
CA THR A 305 -21.62 -13.91 6.44
C THR A 305 -20.53 -14.94 6.75
N MET A 306 -19.28 -14.64 6.35
CA MET A 306 -18.17 -15.56 6.61
C MET A 306 -17.86 -15.67 8.10
N ALA A 307 -17.93 -14.54 8.83
CA ALA A 307 -17.74 -14.60 10.27
C ALA A 307 -18.74 -15.53 10.92
N VAL A 308 -20.01 -15.47 10.51
CA VAL A 308 -21.02 -16.37 11.06
C VAL A 308 -20.71 -17.82 10.67
N VAL A 309 -20.55 -18.09 9.38
CA VAL A 309 -20.36 -19.47 8.91
C VAL A 309 -19.18 -20.13 9.61
N LEU A 310 -18.06 -19.41 9.76
CA LEU A 310 -16.89 -20.02 10.37
C LEU A 310 -16.98 -20.06 11.89
N ALA A 311 -17.67 -19.09 12.50
CA ALA A 311 -18.02 -19.22 13.92
C ALA A 311 -18.81 -20.50 14.15
N LEU A 312 -19.87 -20.69 13.36
CA LEU A 312 -20.69 -21.90 13.48
C LEU A 312 -19.90 -23.15 13.14
N LEU A 313 -18.93 -23.05 12.23
CA LEU A 313 -18.08 -24.19 11.95
C LEU A 313 -17.25 -24.56 13.18
N LEU A 314 -16.63 -23.57 13.82
CA LEU A 314 -15.76 -23.86 14.95
C LEU A 314 -16.52 -24.53 16.09
N VAL A 315 -17.74 -24.06 16.34
CA VAL A 315 -18.55 -24.61 17.42
C VAL A 315 -18.84 -26.08 17.16
N LYS A 316 -19.07 -26.43 15.89
CA LYS A 316 -19.40 -27.81 15.54
C LYS A 316 -18.18 -28.73 15.67
N THR A 317 -16.99 -28.25 15.32
CA THR A 317 -15.81 -29.09 15.51
C THR A 317 -15.49 -29.25 16.99
N LEU A 318 -15.54 -28.15 17.75
CA LEU A 318 -15.34 -28.24 19.20
C LEU A 318 -16.41 -29.08 19.88
N SER A 319 -17.52 -29.37 19.21
CA SER A 319 -18.59 -30.18 19.79
C SER A 319 -18.53 -31.64 19.37
N ALA A 320 -18.34 -31.88 18.07
CA ALA A 320 -18.43 -33.23 17.52
C ALA A 320 -17.41 -34.17 18.17
N ASP A 321 -16.13 -33.79 18.16
CA ASP A 321 -15.08 -34.62 18.72
C ASP A 321 -14.65 -34.10 20.09
N THR A 322 -14.21 -35.03 20.93
CA THR A 322 -13.90 -34.76 22.33
C THR A 322 -12.45 -34.39 22.56
N ASP A 323 -11.56 -34.71 21.62
CA ASP A 323 -10.17 -34.27 21.70
C ASP A 323 -10.06 -32.88 21.11
N PRO A 324 -9.62 -31.86 21.88
CA PRO A 324 -9.53 -30.49 21.34
C PRO A 324 -8.66 -30.41 20.11
N VAL A 325 -7.41 -30.83 20.25
CA VAL A 325 -6.48 -30.86 19.13
C VAL A 325 -7.08 -31.54 17.91
N ALA A 326 -7.83 -32.63 18.10
CA ALA A 326 -8.39 -33.33 16.96
C ALA A 326 -9.51 -32.54 16.29
N ALA A 327 -10.25 -31.75 17.08
CA ALA A 327 -11.26 -30.87 16.51
C ALA A 327 -10.62 -29.71 15.76
N LEU A 328 -9.56 -29.13 16.32
CA LEU A 328 -8.88 -28.03 15.65
C LEU A 328 -8.32 -28.45 14.30
N ASP A 329 -7.80 -29.68 14.19
CA ASP A 329 -7.32 -30.15 12.90
C ASP A 329 -8.47 -30.48 11.96
N ASN A 330 -9.64 -30.84 12.51
CA ASN A 330 -10.84 -30.95 11.71
C ASN A 330 -11.31 -29.57 11.23
N PHE A 331 -11.23 -28.57 12.11
CA PHE A 331 -11.63 -27.22 11.75
C PHE A 331 -10.70 -26.64 10.69
N ASN A 332 -9.38 -26.78 10.89
CA ASN A 332 -8.44 -26.19 9.97
C ASN A 332 -8.54 -26.78 8.57
N ALA A 333 -8.88 -28.06 8.47
CA ALA A 333 -9.06 -28.67 7.15
C ALA A 333 -10.42 -28.33 6.55
N ARG A 334 -11.38 -27.91 7.37
CA ARG A 334 -12.69 -27.48 6.88
C ARG A 334 -12.75 -25.98 6.65
N ALA A 335 -12.18 -25.20 7.57
CA ALA A 335 -12.25 -23.75 7.48
C ALA A 335 -11.46 -23.22 6.28
N LEU A 336 -10.24 -23.72 6.07
CA LEU A 336 -9.32 -23.00 5.19
C LEU A 336 -9.72 -23.07 3.71
N PRO A 337 -10.14 -24.22 3.18
CA PRO A 337 -10.71 -24.19 1.82
C PRO A 337 -11.86 -23.21 1.67
N LEU A 338 -12.72 -23.10 2.68
CA LEU A 338 -13.85 -22.19 2.63
C LEU A 338 -13.42 -20.73 2.68
N ALA A 339 -12.50 -20.41 3.59
CA ALA A 339 -11.95 -19.06 3.64
C ALA A 339 -11.24 -18.67 2.35
N HIS A 340 -10.59 -19.62 1.68
CA HIS A 340 -9.84 -19.27 0.49
C HIS A 340 -10.72 -19.20 -0.74
N LEU A 341 -11.83 -19.96 -0.76
CA LEU A 341 -12.79 -19.76 -1.84
C LEU A 341 -13.46 -18.39 -1.70
N PHE A 342 -13.79 -17.99 -0.47
CA PHE A 342 -14.28 -16.64 -0.20
C PHE A 342 -13.27 -15.61 -0.70
N ARG A 343 -12.00 -15.78 -0.34
CA ARG A 343 -10.97 -14.85 -0.78
C ARG A 343 -10.88 -14.78 -2.30
N ASP A 344 -11.02 -15.93 -2.97
CA ASP A 344 -10.95 -15.94 -4.43
C ASP A 344 -12.12 -15.19 -5.06
N HIS A 345 -13.31 -15.31 -4.46
CA HIS A 345 -14.47 -14.59 -4.99
C HIS A 345 -14.35 -13.09 -4.74
N ALA A 346 -14.00 -12.71 -3.52
CA ALA A 346 -13.81 -11.29 -3.23
C ALA A 346 -12.69 -10.68 -4.06
N ASN A 347 -11.59 -11.39 -4.22
CA ASN A 347 -10.50 -10.86 -5.04
C ASN A 347 -10.91 -10.76 -6.50
N SER A 348 -11.64 -11.75 -7.02
CA SER A 348 -12.13 -11.67 -8.39
C SER A 348 -13.01 -10.43 -8.58
N SER A 349 -13.84 -10.12 -7.57
CA SER A 349 -14.67 -8.93 -7.63
C SER A 349 -13.85 -7.66 -7.46
N ARG A 350 -12.92 -7.66 -6.51
CA ARG A 350 -12.07 -6.49 -6.28
C ARG A 350 -11.32 -6.09 -7.55
N LEU A 351 -10.70 -7.05 -8.23
CA LEU A 351 -9.90 -6.74 -9.41
C LEU A 351 -10.77 -6.19 -10.53
N TRP A 352 -11.98 -6.73 -10.69
CA TRP A 352 -12.92 -6.18 -11.68
C TRP A 352 -13.20 -4.70 -11.39
N PHE A 353 -13.37 -4.34 -10.12
CA PHE A 353 -13.62 -2.94 -9.81
C PHE A 353 -12.37 -2.09 -9.93
N GLU A 354 -11.19 -2.71 -9.83
CA GLU A 354 -9.95 -1.96 -10.03
C GLU A 354 -9.70 -1.64 -11.50
N SER A 355 -10.26 -2.41 -12.43
CA SER A 355 -10.05 -2.17 -13.86
C SER A 355 -11.30 -1.66 -14.57
N VAL A 356 -12.39 -1.39 -13.84
CA VAL A 356 -13.66 -1.13 -14.52
C VAL A 356 -13.62 0.18 -15.31
N ALA A 357 -12.63 1.05 -15.06
CA ALA A 357 -12.52 2.26 -15.87
C ALA A 357 -12.41 1.92 -17.36
N GLU A 358 -11.73 0.83 -17.70
CA GLU A 358 -11.58 0.46 -19.11
C GLU A 358 -12.85 -0.10 -19.73
N ARG A 359 -13.90 -0.31 -18.94
CA ARG A 359 -15.14 -0.88 -19.42
C ARG A 359 -16.22 0.18 -19.59
N MET A 360 -15.88 1.46 -19.44
CA MET A 360 -16.88 2.50 -19.30
C MET A 360 -17.63 2.81 -20.58
N GLU A 361 -17.08 2.45 -21.74
CA GLU A 361 -17.77 2.69 -22.98
C GLU A 361 -18.77 1.60 -23.32
N LEU A 362 -18.80 0.52 -22.53
CA LEU A 362 -19.81 -0.51 -22.70
C LEU A 362 -21.22 0.04 -22.46
N SER A 363 -22.19 -0.62 -23.06
CA SER A 363 -23.59 -0.37 -22.74
C SER A 363 -23.84 -0.74 -21.28
N ASN A 364 -24.92 -0.18 -20.71
CA ASN A 364 -25.37 -0.66 -19.40
C ASN A 364 -25.51 -2.17 -19.43
N ALA A 365 -26.14 -2.69 -20.48
CA ALA A 365 -26.36 -4.13 -20.57
C ALA A 365 -25.04 -4.89 -20.65
N ASP A 366 -24.09 -4.38 -21.45
CA ASP A 366 -22.80 -5.06 -21.54
C ASP A 366 -22.02 -4.96 -20.25
N LEU A 367 -22.04 -3.79 -19.60
CA LEU A 367 -21.39 -3.66 -18.30
C LEU A 367 -22.00 -4.60 -17.28
N THR A 368 -23.33 -4.68 -17.25
CA THR A 368 -24.01 -5.58 -16.32
C THR A 368 -23.60 -7.03 -16.56
N ALA A 369 -23.54 -7.45 -17.83
CA ALA A 369 -23.12 -8.80 -18.14
C ALA A 369 -21.69 -9.03 -17.67
N SER A 370 -20.81 -8.05 -17.89
CA SER A 370 -19.46 -8.12 -17.35
C SER A 370 -19.50 -8.29 -15.83
N PHE A 371 -20.26 -7.44 -15.13
CA PHE A 371 -20.41 -7.55 -13.69
C PHE A 371 -20.87 -8.95 -13.26
N ASP A 372 -21.93 -9.47 -13.89
CA ASP A 372 -22.46 -10.77 -13.49
C ASP A 372 -21.48 -11.91 -13.71
N ALA A 373 -20.53 -11.76 -14.63
CA ALA A 373 -19.61 -12.84 -14.95
C ALA A 373 -18.29 -12.73 -14.20
N ARG A 374 -18.12 -11.71 -13.36
CA ARG A 374 -16.80 -11.45 -12.81
C ARG A 374 -16.35 -12.54 -11.84
N ARG A 375 -17.28 -13.32 -11.29
CA ARG A 375 -16.95 -14.42 -10.40
C ARG A 375 -17.30 -15.79 -11.00
N LYS A 376 -17.83 -15.83 -12.22
CA LYS A 376 -18.37 -17.07 -12.76
C LYS A 376 -17.31 -18.14 -13.00
N ASP A 377 -16.03 -17.79 -13.09
CA ASP A 377 -15.00 -18.78 -13.38
C ASP A 377 -14.63 -19.63 -12.18
N LEU A 378 -15.17 -19.33 -10.99
CA LEU A 378 -14.81 -19.99 -9.75
C LEU A 378 -15.88 -21.01 -9.36
N PRO A 379 -15.53 -21.99 -8.53
CA PRO A 379 -16.57 -22.81 -7.90
C PRO A 379 -17.54 -21.93 -7.14
N PRO A 380 -18.84 -22.17 -7.25
CA PRO A 380 -19.80 -21.27 -6.59
C PRO A 380 -19.56 -21.21 -5.09
N LEU A 381 -19.43 -19.98 -4.58
CA LEU A 381 -19.23 -19.81 -3.14
C LEU A 381 -20.45 -20.25 -2.35
N GLN A 382 -21.64 -19.97 -2.86
CA GLN A 382 -22.87 -20.22 -2.12
C GLN A 382 -23.06 -21.72 -1.86
N ASP A 383 -22.80 -22.56 -2.86
CA ASP A 383 -22.86 -24.00 -2.64
C ASP A 383 -21.89 -24.41 -1.53
N ALA A 384 -20.66 -23.90 -1.55
CA ALA A 384 -19.70 -24.25 -0.51
C ALA A 384 -20.18 -23.80 0.87
N LEU A 385 -20.78 -22.61 0.96
CA LEU A 385 -21.23 -22.14 2.27
C LEU A 385 -22.38 -22.99 2.80
N MET A 386 -23.36 -23.29 1.95
CA MET A 386 -24.48 -24.14 2.36
C MET A 386 -23.99 -25.51 2.83
N ALA A 387 -23.03 -26.09 2.13
CA ALA A 387 -22.47 -27.37 2.55
C ALA A 387 -21.83 -27.27 3.92
N SER A 388 -21.08 -26.20 4.16
CA SER A 388 -20.44 -26.07 5.46
C SER A 388 -21.46 -25.85 6.56
N LEU A 389 -22.48 -25.03 6.29
CA LEU A 389 -23.55 -24.83 7.27
C LEU A 389 -24.31 -26.13 7.53
N GLY A 390 -24.49 -26.96 6.49
CA GLY A 390 -25.14 -28.24 6.69
C GLY A 390 -24.38 -29.12 7.66
N TYR A 391 -23.05 -29.07 7.61
CA TYR A 391 -22.24 -29.86 8.55
C TYR A 391 -22.22 -29.23 9.93
N ALA A 392 -22.16 -27.90 10.02
CA ALA A 392 -22.07 -27.24 11.30
C ALA A 392 -23.42 -27.17 12.01
N LEU A 393 -24.52 -27.47 11.33
CA LEU A 393 -25.84 -27.39 11.93
C LEU A 393 -26.67 -28.65 11.78
N GLY A 394 -26.25 -29.63 10.98
CA GLY A 394 -26.96 -30.89 10.83
C GLY A 394 -28.28 -30.81 10.09
N ALA B 22 13.66 13.63 -38.85
CA ALA B 22 15.12 13.63 -38.88
C ALA B 22 15.64 12.30 -38.36
N SER B 23 16.97 12.12 -38.41
CA SER B 23 17.65 10.94 -37.85
C SER B 23 18.81 11.41 -36.98
N MET B 24 18.96 10.77 -35.82
CA MET B 24 19.96 11.21 -34.85
C MET B 24 20.69 10.00 -34.29
N LYS B 25 22.01 10.14 -34.12
CA LYS B 25 22.82 9.12 -33.47
C LYS B 25 23.14 9.58 -32.06
N ILE B 26 22.63 8.85 -31.05
CA ILE B 26 22.70 9.28 -29.66
C ILE B 26 23.50 8.26 -28.85
N LEU B 27 24.40 8.76 -28.00
CA LEU B 27 25.04 7.95 -26.97
C LEU B 27 24.39 8.25 -25.63
N VAL B 28 23.99 7.21 -24.92
CA VAL B 28 23.60 7.35 -23.53
C VAL B 28 24.75 6.80 -22.70
N ILE B 29 25.26 7.63 -21.79
CA ILE B 29 26.37 7.26 -20.92
C ILE B 29 25.81 6.93 -19.54
N GLY B 30 25.78 5.63 -19.21
CA GLY B 30 25.29 5.22 -17.92
C GLY B 30 24.07 4.35 -18.04
N ALA B 31 24.18 3.08 -17.66
CA ALA B 31 23.06 2.14 -17.81
C ALA B 31 22.32 1.94 -16.48
N GLY B 32 21.85 3.03 -15.88
CA GLY B 32 21.00 2.97 -14.72
C GLY B 32 19.61 3.47 -15.08
N PRO B 33 18.76 3.73 -14.09
CA PRO B 33 17.35 4.05 -14.42
C PRO B 33 17.18 5.28 -15.29
N ALA B 34 17.99 6.32 -15.12
CA ALA B 34 17.79 7.52 -15.95
C ALA B 34 18.16 7.24 -17.40
N GLY B 35 19.31 6.60 -17.60
CA GLY B 35 19.71 6.26 -18.96
C GLY B 35 18.80 5.25 -19.61
N LEU B 36 18.40 4.22 -18.86
CA LEU B 36 17.58 3.16 -19.43
C LEU B 36 16.18 3.65 -19.77
N ILE B 37 15.56 4.44 -18.88
CA ILE B 37 14.24 4.96 -19.20
C ILE B 37 14.34 5.95 -20.35
N PHE B 38 15.37 6.80 -20.37
CA PHE B 38 15.51 7.72 -21.48
C PHE B 38 15.61 6.95 -22.79
N ALA B 39 16.58 6.04 -22.88
CA ALA B 39 16.87 5.38 -24.16
C ALA B 39 15.66 4.61 -24.65
N SER B 40 15.01 3.86 -23.77
CA SER B 40 13.87 3.06 -24.20
C SER B 40 12.69 3.93 -24.63
N GLN B 41 12.38 4.99 -23.87
CA GLN B 41 11.28 5.86 -24.26
C GLN B 41 11.64 6.70 -25.47
N MET B 42 12.92 7.09 -25.60
CA MET B 42 13.36 7.82 -26.80
C MET B 42 13.26 6.94 -28.03
N LYS B 43 13.73 5.69 -27.93
CA LYS B 43 13.64 4.77 -29.06
C LYS B 43 12.20 4.52 -29.47
N GLN B 44 11.29 4.50 -28.48
CA GLN B 44 9.87 4.29 -28.79
C GLN B 44 9.29 5.51 -29.48
N ALA B 45 9.77 6.71 -29.12
CA ALA B 45 9.29 7.92 -29.76
C ALA B 45 9.86 8.08 -31.17
N GLN B 46 11.03 7.53 -31.43
CA GLN B 46 11.75 7.77 -32.69
C GLN B 46 12.47 6.49 -33.08
N PRO B 47 11.73 5.51 -33.59
CA PRO B 47 12.33 4.20 -33.85
C PRO B 47 13.46 4.24 -34.86
N GLY B 48 13.55 5.28 -35.68
CA GLY B 48 14.63 5.37 -36.64
C GLY B 48 15.93 5.93 -36.10
N TRP B 49 15.95 6.41 -34.85
CA TRP B 49 17.15 6.99 -34.28
C TRP B 49 18.12 5.89 -33.84
N ASP B 50 19.41 6.18 -33.95
CA ASP B 50 20.46 5.23 -33.57
C ASP B 50 20.84 5.56 -32.13
N ILE B 51 20.31 4.78 -31.19
CA ILE B 51 20.50 4.99 -29.75
C ILE B 51 21.25 3.80 -29.17
N SER B 52 22.35 4.08 -28.48
CA SER B 52 23.13 3.05 -27.83
C SER B 52 23.52 3.55 -26.45
N ILE B 53 23.95 2.60 -25.60
CA ILE B 53 24.26 2.88 -24.20
C ILE B 53 25.59 2.26 -23.84
N VAL B 54 26.45 3.03 -23.14
CA VAL B 54 27.71 2.53 -22.61
C VAL B 54 27.64 2.56 -21.10
N GLU B 55 28.28 1.58 -20.46
CA GLU B 55 28.30 1.46 -19.02
C GLU B 55 29.75 1.22 -18.59
N LYS B 56 30.16 1.95 -17.53
CA LYS B 56 31.54 1.88 -17.07
C LYS B 56 31.85 0.56 -16.37
N ASN B 57 30.88 0.04 -15.63
CA ASN B 57 31.07 -1.16 -14.82
C ASN B 57 30.71 -2.40 -15.62
N THR B 58 31.00 -3.57 -15.03
CA THR B 58 30.44 -4.81 -15.54
C THR B 58 28.91 -4.75 -15.50
N GLN B 59 28.29 -5.69 -16.25
CA GLN B 59 26.86 -5.96 -16.16
C GLN B 59 26.37 -6.24 -14.75
N GLU B 60 27.26 -6.76 -13.90
CA GLU B 60 26.85 -7.36 -12.65
C GLU B 60 26.86 -6.38 -11.49
N GLU B 61 27.53 -5.24 -11.63
CA GLU B 61 27.66 -4.30 -10.51
C GLU B 61 26.42 -3.41 -10.43
N VAL B 62 25.65 -3.58 -9.35
CA VAL B 62 24.52 -2.74 -9.01
C VAL B 62 24.61 -2.43 -7.52
N LEU B 63 24.60 -1.15 -7.18
CA LEU B 63 24.71 -0.70 -5.79
C LEU B 63 23.33 -0.68 -5.12
N GLY B 64 23.32 -0.96 -3.82
CA GLY B 64 22.15 -0.76 -2.99
C GLY B 64 21.32 -2.02 -2.79
N TRP B 65 20.14 -1.82 -2.22
CA TRP B 65 19.26 -2.92 -1.86
C TRP B 65 17.95 -2.71 -2.59
N GLY B 66 16.92 -2.20 -1.91
CA GLY B 66 15.68 -1.83 -2.56
C GLY B 66 15.55 -0.32 -2.62
N VAL B 67 14.60 0.15 -3.44
CA VAL B 67 14.22 1.55 -3.51
C VAL B 67 12.71 1.58 -3.34
N VAL B 68 12.21 2.65 -2.73
CA VAL B 68 10.78 2.91 -2.70
C VAL B 68 10.43 3.88 -3.82
N LEU B 69 9.31 3.60 -4.49
CA LEU B 69 8.88 4.31 -5.68
C LEU B 69 7.42 4.72 -5.51
N PRO B 70 6.98 5.76 -6.21
CA PRO B 70 5.59 6.20 -6.08
C PRO B 70 4.64 5.31 -6.86
N GLY B 71 3.45 5.14 -6.29
CA GLY B 71 2.36 4.48 -7.01
C GLY B 71 2.65 3.06 -7.43
N ARG B 72 1.84 2.58 -8.36
CA ARG B 72 1.91 1.24 -8.90
C ARG B 72 1.99 1.29 -10.42
N PRO B 73 2.68 0.33 -11.04
CA PRO B 73 2.52 0.14 -12.47
C PRO B 73 1.14 -0.43 -12.74
N PRO B 74 0.60 -0.28 -13.95
CA PRO B 74 1.24 0.32 -15.11
C PRO B 74 0.92 1.80 -15.32
N ARG B 75 0.09 2.38 -14.46
CA ARG B 75 -0.47 3.67 -14.80
C ARG B 75 0.17 4.86 -14.08
N HIS B 76 0.96 4.63 -13.04
CA HIS B 76 1.63 5.78 -12.41
C HIS B 76 2.79 6.22 -13.29
N PRO B 77 2.77 7.46 -13.81
CA PRO B 77 3.73 7.83 -14.85
C PRO B 77 5.14 8.08 -14.34
N ALA B 78 5.37 8.19 -13.02
CA ALA B 78 6.71 8.43 -12.51
C ALA B 78 7.39 7.16 -12.00
N ASN B 79 6.65 6.06 -11.87
CA ASN B 79 7.20 4.79 -11.41
C ASN B 79 7.91 4.08 -12.56
N PRO B 80 9.22 3.84 -12.47
CA PRO B 80 9.91 3.12 -13.56
C PRO B 80 9.28 1.79 -13.93
N LEU B 81 8.58 1.13 -12.99
CA LEU B 81 7.95 -0.15 -13.35
C LEU B 81 6.84 0.03 -14.38
N SER B 82 6.24 1.21 -14.48
CA SER B 82 5.24 1.45 -15.49
C SER B 82 5.84 1.43 -16.90
N TYR B 83 7.17 1.43 -17.02
CA TYR B 83 7.80 1.36 -18.33
C TYR B 83 8.43 0.00 -18.59
N LEU B 84 7.96 -1.02 -17.89
CA LEU B 84 8.36 -2.40 -18.10
C LEU B 84 7.14 -3.23 -18.43
N GLU B 85 7.34 -4.30 -19.19
CA GLU B 85 6.29 -5.30 -19.32
C GLU B 85 6.44 -6.29 -18.16
N GLN B 86 5.30 -6.72 -17.64
CA GLN B 86 5.26 -7.70 -16.55
C GLN B 86 6.11 -7.26 -15.36
N PRO B 87 5.95 -6.02 -14.87
CA PRO B 87 6.75 -5.58 -13.72
C PRO B 87 6.54 -6.41 -12.47
N GLU B 88 5.41 -7.13 -12.37
CA GLU B 88 5.13 -7.99 -11.21
C GLU B 88 6.18 -9.07 -11.02
N ARG B 89 6.89 -9.45 -12.09
CA ARG B 89 8.00 -10.38 -11.98
C ARG B 89 9.13 -9.86 -11.10
N LEU B 90 9.23 -8.56 -10.90
CA LEU B 90 10.27 -8.03 -10.01
C LEU B 90 9.87 -8.13 -8.55
N ASN B 91 8.65 -8.62 -8.26
CA ASN B 91 8.18 -8.85 -6.90
C ASN B 91 8.05 -7.54 -6.11
N PRO B 92 7.52 -6.46 -6.68
CA PRO B 92 7.39 -5.22 -5.89
C PRO B 92 6.49 -5.44 -4.67
N GLN B 93 6.64 -4.56 -3.70
CA GLN B 93 5.89 -4.62 -2.46
C GLN B 93 5.13 -3.30 -2.31
N TYR B 94 3.81 -3.35 -2.25
CA TYR B 94 3.02 -2.14 -2.21
C TYR B 94 2.64 -1.83 -0.75
N LEU B 95 3.19 -0.74 -0.23
CA LEU B 95 2.98 -0.35 1.15
C LEU B 95 2.00 0.80 1.18
N GLU B 96 1.19 0.83 2.22
CA GLU B 96 0.17 1.85 2.34
C GLU B 96 0.24 2.60 3.66
N GLU B 97 1.12 2.19 4.56
CA GLU B 97 1.22 2.79 5.88
C GLU B 97 2.63 3.27 6.18
N PHE B 98 2.70 4.29 7.03
CA PHE B 98 3.93 4.92 7.48
C PHE B 98 4.01 4.76 8.99
N LYS B 99 5.12 4.22 9.49
CA LYS B 99 5.28 4.03 10.93
C LYS B 99 6.45 4.86 11.42
N LEU B 100 6.17 5.88 12.23
CA LEU B 100 7.21 6.67 12.88
C LEU B 100 7.37 6.19 14.32
N VAL B 101 8.56 5.67 14.65
CA VAL B 101 8.88 5.16 15.98
C VAL B 101 9.79 6.15 16.70
N HIS B 102 9.41 6.54 17.91
CA HIS B 102 10.14 7.51 18.70
C HIS B 102 9.73 7.29 20.16
N HIS B 103 10.68 7.40 21.07
CA HIS B 103 10.42 7.15 22.49
C HIS B 103 9.81 5.76 22.69
N ASP B 104 10.21 4.82 21.85
CA ASP B 104 9.77 3.42 21.92
C ASP B 104 8.31 3.28 21.53
N GLN B 105 7.68 4.32 20.98
CA GLN B 105 6.27 4.22 20.62
C GLN B 105 6.10 4.34 19.11
N PRO B 106 5.26 3.51 18.52
CA PRO B 106 4.96 3.64 17.10
C PRO B 106 3.83 4.64 16.86
N ASN B 107 3.87 5.28 15.69
CA ASN B 107 2.82 6.18 15.23
C ASN B 107 2.52 5.83 13.78
N LEU B 108 1.32 5.33 13.53
CA LEU B 108 0.95 4.73 12.25
C LEU B 108 0.06 5.72 11.49
N MET B 109 0.38 5.91 10.21
CA MET B 109 -0.35 6.84 9.34
C MET B 109 -0.46 6.22 7.95
N SER B 110 -1.45 6.69 7.19
CA SER B 110 -1.61 6.26 5.81
C SER B 110 -0.67 7.08 4.92
N THR B 111 -0.13 6.45 3.88
CA THR B 111 0.88 7.14 3.08
C THR B 111 0.26 8.10 2.06
N GLY B 112 -1.02 7.94 1.73
CA GLY B 112 -1.63 8.76 0.70
C GLY B 112 -1.50 8.09 -0.65
N VAL B 113 -0.35 8.23 -1.29
CA VAL B 113 -0.03 7.46 -2.49
C VAL B 113 0.66 6.17 -2.04
N THR B 114 0.41 5.10 -2.80
CA THR B 114 1.12 3.84 -2.58
C THR B 114 2.62 4.06 -2.59
N LEU B 115 3.32 3.32 -1.73
CA LEU B 115 4.78 3.22 -1.73
C LEU B 115 5.13 1.85 -2.28
N CYS B 116 5.91 1.83 -3.37
CA CYS B 116 6.24 0.60 -4.06
C CYS B 116 7.73 0.31 -3.85
N GLY B 117 8.04 -0.70 -3.05
CA GLY B 117 9.41 -1.14 -2.85
C GLY B 117 9.77 -2.21 -3.86
N VAL B 118 11.00 -2.15 -4.35
CA VAL B 118 11.45 -3.09 -5.38
C VAL B 118 12.97 -3.21 -5.30
N GLU B 119 13.48 -4.43 -5.54
CA GLU B 119 14.92 -4.60 -5.55
C GLU B 119 15.56 -3.74 -6.64
N ARG B 120 16.62 -3.01 -6.26
CA ARG B 120 17.31 -2.13 -7.23
C ARG B 120 17.89 -2.94 -8.38
N ARG B 121 18.56 -4.04 -8.06
CA ARG B 121 19.18 -4.88 -9.09
C ARG B 121 18.13 -5.42 -10.05
N GLY B 122 17.06 -6.03 -9.53
CA GLY B 122 16.00 -6.49 -10.41
C GLY B 122 15.50 -5.39 -11.32
N LEU B 123 15.32 -4.18 -10.78
CA LEU B 123 14.82 -3.07 -11.56
C LEU B 123 15.78 -2.72 -12.70
N VAL B 124 17.06 -2.61 -12.39
CA VAL B 124 18.03 -2.20 -13.40
C VAL B 124 18.17 -3.27 -14.48
N GLN B 125 18.28 -4.53 -14.08
CA GLN B 125 18.50 -5.59 -15.07
C GLN B 125 17.28 -5.77 -15.98
N ALA B 126 16.07 -5.50 -15.47
CA ALA B 126 14.89 -5.61 -16.31
C ALA B 126 14.82 -4.44 -17.29
N LEU B 127 15.15 -3.23 -16.85
CA LEU B 127 15.14 -2.10 -17.77
C LEU B 127 16.23 -2.26 -18.84
N ARG B 128 17.35 -2.87 -18.48
CA ARG B 128 18.38 -3.17 -19.48
C ARG B 128 17.85 -4.17 -20.52
N ALA B 129 17.21 -5.25 -20.05
CA ALA B 129 16.58 -6.21 -20.94
C ALA B 129 15.57 -5.55 -21.86
N LYS B 130 14.76 -4.65 -21.32
CA LYS B 130 13.82 -3.89 -22.15
C LYS B 130 14.53 -3.10 -23.24
N CYS B 131 15.62 -2.41 -22.89
CA CYS B 131 16.33 -1.66 -23.91
C CYS B 131 16.90 -2.58 -25.00
N VAL B 132 17.50 -3.69 -24.61
CA VAL B 132 18.08 -4.63 -25.58
C VAL B 132 16.99 -5.22 -26.46
N ALA B 133 15.81 -5.48 -25.89
CA ALA B 133 14.71 -6.01 -26.68
C ALA B 133 14.15 -4.97 -27.64
N ALA B 134 14.41 -3.69 -27.39
CA ALA B 134 13.98 -2.63 -28.27
C ALA B 134 15.02 -2.29 -29.32
N GLY B 135 16.05 -3.12 -29.45
CA GLY B 135 17.11 -2.85 -30.41
C GLY B 135 18.16 -1.86 -29.96
N ILE B 136 18.26 -1.59 -28.65
CA ILE B 136 19.26 -0.66 -28.11
C ILE B 136 20.42 -1.48 -27.55
N ALA B 137 21.60 -1.34 -28.14
CA ALA B 137 22.78 -2.03 -27.63
C ALA B 137 23.27 -1.38 -26.34
N ILE B 138 23.74 -2.20 -25.40
CA ILE B 138 24.39 -1.73 -24.20
C ILE B 138 25.76 -2.41 -24.13
N SER B 139 26.82 -1.60 -24.09
CA SER B 139 28.19 -2.13 -23.98
C SER B 139 28.73 -1.83 -22.58
N TYR B 140 29.33 -2.84 -21.96
CA TYR B 140 29.80 -2.78 -20.59
C TYR B 140 31.32 -2.70 -20.54
N GLU B 141 31.82 -2.22 -19.41
CA GLU B 141 33.26 -2.00 -19.21
C GLU B 141 33.86 -1.18 -20.33
N THR B 142 33.11 -0.16 -20.78
CA THR B 142 33.54 0.64 -21.91
C THR B 142 34.73 1.50 -21.54
N PRO B 143 35.79 1.52 -22.35
CA PRO B 143 36.91 2.41 -22.05
C PRO B 143 36.46 3.86 -22.18
N PRO B 144 37.05 4.77 -21.41
CA PRO B 144 36.68 6.18 -21.54
C PRO B 144 37.08 6.74 -22.90
N ALA B 145 36.29 7.70 -23.36
CA ALA B 145 36.58 8.42 -24.58
C ALA B 145 36.70 9.91 -24.29
N SER B 146 37.53 10.59 -25.07
CA SER B 146 37.65 12.03 -24.95
C SER B 146 36.33 12.72 -25.32
N GLN B 147 36.16 13.93 -24.83
CA GLN B 147 35.02 14.74 -25.26
C GLN B 147 35.04 14.94 -26.77
N ALA B 148 36.25 15.08 -27.34
CA ALA B 148 36.40 15.26 -28.78
C ALA B 148 35.86 14.05 -29.57
N GLN B 149 36.24 12.83 -29.18
CA GLN B 149 35.77 11.68 -29.96
C GLN B 149 34.25 11.51 -29.81
N LEU B 150 33.72 11.79 -28.62
CA LEU B 150 32.27 11.76 -28.43
C LEU B 150 31.56 12.74 -29.35
N GLU B 151 32.05 13.99 -29.39
CA GLU B 151 31.43 15.00 -30.24
C GLU B 151 31.52 14.63 -31.71
N ALA B 152 32.58 13.91 -32.10
CA ALA B 152 32.71 13.48 -33.50
C ALA B 152 31.81 12.29 -33.82
N GLU B 153 31.66 11.35 -32.87
CA GLU B 153 30.94 10.12 -33.17
C GLU B 153 29.43 10.29 -33.09
N TYR B 154 28.94 11.25 -32.31
CA TYR B 154 27.52 11.33 -31.98
C TYR B 154 26.97 12.73 -32.23
N ASP B 155 25.67 12.77 -32.51
CA ASP B 155 24.94 14.03 -32.58
C ASP B 155 24.54 14.55 -31.22
N LEU B 156 24.39 13.65 -30.24
CA LEU B 156 23.95 14.03 -28.90
C LEU B 156 24.54 13.03 -27.93
N VAL B 157 25.00 13.54 -26.78
CA VAL B 157 25.47 12.68 -25.71
C VAL B 157 24.62 12.95 -24.46
N VAL B 158 23.86 11.94 -24.06
CA VAL B 158 22.97 12.05 -22.91
C VAL B 158 23.72 11.50 -21.70
N VAL B 159 24.00 12.37 -20.75
CA VAL B 159 24.87 12.06 -19.63
C VAL B 159 23.98 11.59 -18.49
N ALA B 160 23.98 10.29 -18.25
CA ALA B 160 23.13 9.70 -17.22
C ALA B 160 23.97 8.82 -16.33
N ASN B 161 25.12 9.35 -15.88
CA ASN B 161 26.10 8.52 -15.20
C ASN B 161 26.09 8.70 -13.69
N GLY B 162 24.96 9.14 -13.13
CA GLY B 162 24.82 9.21 -11.67
C GLY B 162 25.79 10.21 -11.06
N VAL B 163 26.21 9.95 -9.82
CA VAL B 163 27.06 10.88 -9.08
C VAL B 163 28.54 10.67 -9.35
N ASN B 164 28.88 9.79 -10.31
CA ASN B 164 30.28 9.55 -10.69
C ASN B 164 30.82 10.71 -11.55
N HIS B 165 30.86 11.91 -10.95
CA HIS B 165 31.14 13.16 -11.66
C HIS B 165 32.58 13.33 -12.14
N LYS B 166 33.51 12.49 -11.69
CA LYS B 166 34.89 12.64 -12.15
C LYS B 166 35.23 11.79 -13.37
N THR B 167 34.32 10.92 -13.81
CA THR B 167 34.64 9.89 -14.80
C THR B 167 34.41 10.33 -16.24
N LEU B 168 33.86 11.52 -16.47
CA LEU B 168 33.50 11.93 -17.81
C LEU B 168 33.87 13.39 -17.98
N GLN B 169 34.59 13.69 -19.07
CA GLN B 169 35.04 15.05 -19.34
C GLN B 169 33.91 15.80 -20.04
N LEU B 170 33.47 16.89 -19.44
CA LEU B 170 32.37 17.69 -19.96
C LEU B 170 32.82 19.12 -20.19
N PRO B 171 32.04 19.89 -20.94
CA PRO B 171 32.29 21.34 -21.04
C PRO B 171 32.39 21.97 -19.67
N PRO B 172 33.20 23.03 -19.53
CA PRO B 172 33.35 23.64 -18.19
C PRO B 172 32.04 24.11 -17.58
N SER B 173 31.10 24.61 -18.39
CA SER B 173 29.84 25.10 -17.85
C SER B 173 29.03 24.03 -17.11
N LEU B 174 29.27 22.75 -17.38
CA LEU B 174 28.58 21.66 -16.70
C LEU B 174 29.33 21.15 -15.47
N ALA B 175 30.25 21.95 -14.93
CA ALA B 175 31.06 21.54 -13.80
C ALA B 175 30.20 21.14 -12.60
N PRO B 176 30.58 20.07 -11.89
CA PRO B 176 29.80 19.66 -10.73
C PRO B 176 29.96 20.62 -9.56
N GLN B 177 28.86 20.84 -8.87
CA GLN B 177 28.84 21.45 -7.55
C GLN B 177 28.53 20.35 -6.53
N ILE B 178 29.48 20.10 -5.64
CA ILE B 178 29.49 18.93 -4.78
C ILE B 178 29.33 19.41 -3.34
N ASP B 179 28.29 18.94 -2.66
CA ASP B 179 28.04 19.28 -1.26
C ASP B 179 27.82 17.99 -0.49
N PHE B 180 28.57 17.81 0.59
CA PHE B 180 28.49 16.62 1.41
C PHE B 180 27.68 16.91 2.68
N GLY B 181 26.71 16.05 2.97
CA GLY B 181 25.94 16.21 4.18
C GLY B 181 26.75 15.92 5.42
N ARG B 182 26.25 16.43 6.55
CA ARG B 182 26.99 16.26 7.80
C ARG B 182 26.73 14.91 8.44
N ASN B 183 25.57 14.29 8.17
CA ASN B 183 25.32 12.96 8.69
C ASN B 183 26.15 11.92 7.93
N LYS B 184 26.44 10.82 8.62
CA LYS B 184 26.94 9.60 7.99
C LYS B 184 25.77 8.66 7.81
N TYR B 185 25.78 7.89 6.72
CA TYR B 185 24.74 6.90 6.49
C TYR B 185 25.36 5.66 5.86
N ILE B 186 24.65 4.54 5.99
CA ILE B 186 25.02 3.27 5.41
C ILE B 186 23.73 2.59 4.93
N TRP B 187 23.85 1.83 3.84
CA TRP B 187 22.71 1.21 3.15
C TRP B 187 22.72 -0.28 3.44
N TYR B 188 21.87 -0.73 4.36
CA TYR B 188 21.80 -2.13 4.73
C TYR B 188 20.57 -2.79 4.11
N GLY B 189 20.65 -4.11 3.98
CA GLY B 189 19.47 -4.93 3.78
C GLY B 189 19.27 -5.89 4.95
N THR B 190 18.06 -6.41 5.11
CA THR B 190 17.78 -7.33 6.20
C THR B 190 16.59 -8.22 5.84
N THR B 191 16.57 -9.43 6.41
CA THR B 191 15.42 -10.29 6.16
C THR B 191 14.24 -9.98 7.07
N GLN B 192 14.39 -9.04 7.99
CA GLN B 192 13.24 -8.53 8.72
C GLN B 192 12.34 -7.77 7.75
N LEU B 193 11.07 -8.17 7.68
CA LEU B 193 10.13 -7.56 6.74
C LEU B 193 9.44 -6.39 7.42
N PHE B 194 9.61 -5.20 6.85
CA PHE B 194 8.93 -4.01 7.35
C PHE B 194 7.72 -3.78 6.44
N ASP B 195 6.55 -4.24 6.90
CA ASP B 195 5.33 -4.10 6.11
C ASP B 195 4.86 -2.66 6.00
N GLN B 196 5.34 -1.79 6.88
CA GLN B 196 5.13 -0.35 6.75
C GLN B 196 6.47 0.30 6.40
N MET B 197 6.39 1.45 5.73
CA MET B 197 7.50 2.38 5.65
C MET B 197 7.82 2.87 7.07
N ASN B 198 8.99 2.50 7.62
CA ASN B 198 9.35 2.87 8.98
C ASN B 198 10.30 4.06 8.95
N LEU B 199 10.12 5.00 9.85
CA LEU B 199 11.15 5.98 10.18
C LEU B 199 11.40 5.85 11.66
N VAL B 200 12.57 5.35 12.05
CA VAL B 200 12.81 4.90 13.42
C VAL B 200 13.86 5.78 14.06
N PHE B 201 13.53 6.35 15.22
CA PHE B 201 14.46 7.14 16.02
C PHE B 201 14.85 6.34 17.27
N ARG B 202 16.13 6.01 17.38
CA ARG B 202 16.64 5.26 18.53
C ARG B 202 17.93 5.93 19.01
N SER B 203 18.00 6.22 20.31
CA SER B 203 19.20 6.78 20.92
C SER B 203 19.79 5.83 21.97
N ASN B 204 21.09 5.93 22.15
CA ASN B 204 21.79 5.23 23.21
C ASN B 204 22.77 6.23 23.83
N ALA B 205 23.71 5.72 24.60
CA ALA B 205 24.65 6.62 25.28
C ALA B 205 25.50 7.40 24.30
N GLN B 206 25.57 6.96 23.04
CA GLN B 206 26.35 7.66 22.03
C GLN B 206 25.54 8.70 21.27
N GLY B 207 24.24 8.57 21.21
CA GLY B 207 23.45 9.61 20.58
C GLY B 207 22.31 9.01 19.79
N MET B 208 21.80 9.76 18.82
CA MET B 208 20.57 9.43 18.13
C MET B 208 20.88 8.81 16.77
N PHE B 209 20.27 7.65 16.50
CA PHE B 209 20.42 6.96 15.23
C PHE B 209 19.05 6.86 14.55
N ILE B 210 19.02 7.10 13.25
CA ILE B 210 17.79 7.16 12.47
C ILE B 210 17.80 6.02 11.47
N GLY B 211 16.71 5.26 11.41
CA GLY B 211 16.53 4.20 10.43
C GLY B 211 15.37 4.50 9.49
N HIS B 212 15.59 4.27 8.20
CA HIS B 212 14.55 4.28 7.17
C HIS B 212 14.44 2.87 6.62
N ALA B 213 13.26 2.26 6.74
CA ALA B 213 13.12 0.83 6.53
C ALA B 213 11.80 0.51 5.85
N TYR B 214 11.82 -0.49 4.96
CA TYR B 214 10.64 -0.90 4.19
C TYR B 214 10.98 -2.19 3.44
N ARG B 215 10.01 -3.09 3.31
CA ARG B 215 10.26 -4.32 2.57
C ARG B 215 10.22 -4.02 1.09
N TYR B 216 11.08 -4.69 0.32
CA TYR B 216 11.11 -4.49 -1.12
C TYR B 216 10.99 -5.78 -1.91
N SER B 217 10.95 -6.93 -1.26
CA SER B 217 10.68 -8.20 -1.91
C SER B 217 9.95 -9.08 -0.90
N ASP B 218 9.70 -10.35 -1.24
CA ASP B 218 9.03 -11.21 -0.27
C ASP B 218 9.95 -11.59 0.86
N THR B 219 11.26 -11.41 0.73
CA THR B 219 12.17 -11.82 1.79
C THR B 219 13.11 -10.74 2.31
N MET B 220 13.14 -9.54 1.73
CA MET B 220 14.14 -8.54 2.08
C MET B 220 13.52 -7.17 2.28
N SER B 221 14.13 -6.39 3.17
CA SER B 221 13.83 -4.99 3.39
C SER B 221 15.10 -4.15 3.24
N THR B 222 14.93 -2.92 2.78
CA THR B 222 15.99 -1.93 2.92
C THR B 222 16.00 -1.42 4.36
N PHE B 223 17.21 -1.22 4.90
CA PHE B 223 17.38 -0.58 6.22
C PHE B 223 18.55 0.41 6.11
N VAL B 224 18.24 1.66 5.85
CA VAL B 224 19.24 2.71 5.84
C VAL B 224 19.34 3.34 7.23
N VAL B 225 20.55 3.46 7.74
CA VAL B 225 20.80 4.09 9.04
C VAL B 225 21.59 5.37 8.80
N GLU B 226 21.18 6.47 9.42
CA GLU B 226 21.99 7.67 9.40
C GLU B 226 22.07 8.26 10.80
N CYS B 227 23.14 8.99 11.08
CA CYS B 227 23.24 9.67 12.37
C CYS B 227 24.16 10.87 12.20
N ASP B 228 24.07 11.80 13.15
CA ASP B 228 24.85 13.03 13.05
C ASP B 228 26.32 12.74 13.34
N GLU B 229 27.15 13.71 12.92
CA GLU B 229 28.59 13.56 12.98
C GLU B 229 29.08 13.23 14.38
N GLN B 230 28.38 13.71 15.41
CA GLN B 230 28.84 13.48 16.77
C GLN B 230 28.54 12.08 17.25
N ALA B 231 27.31 11.61 17.03
CA ALA B 231 26.99 10.22 17.35
C ALA B 231 27.93 9.28 16.61
N TYR B 232 28.20 9.58 15.34
CA TYR B 232 29.08 8.73 14.56
C TYR B 232 30.48 8.67 15.17
N ALA B 233 30.97 9.81 15.66
CA ALA B 233 32.29 9.85 16.29
C ALA B 233 32.26 9.21 17.67
N ARG B 234 31.22 9.52 18.46
CA ARG B 234 31.14 8.96 19.80
C ARG B 234 31.02 7.43 19.75
N ALA B 235 30.40 6.89 18.69
CA ALA B 235 30.31 5.45 18.51
C ALA B 235 31.54 4.85 17.83
N GLU B 236 32.47 5.69 17.36
CA GLU B 236 33.69 5.25 16.67
C GLU B 236 33.40 4.36 15.46
N LEU B 237 32.22 4.54 14.84
CA LEU B 237 31.82 3.70 13.72
C LEU B 237 32.85 3.72 12.60
N GLU B 238 33.59 4.82 12.43
CA GLU B 238 34.62 4.83 11.40
C GLU B 238 35.71 3.78 11.65
N MET B 239 36.01 3.47 12.91
CA MET B 239 37.07 2.51 13.21
C MET B 239 36.56 1.10 13.46
N ARG B 240 35.31 0.81 13.18
CA ARG B 240 34.80 -0.53 13.40
C ARG B 240 34.84 -1.34 12.11
N SER B 241 35.20 -2.61 12.22
CA SER B 241 34.99 -3.56 11.13
C SER B 241 33.53 -3.51 10.65
N GLU B 242 33.25 -4.08 9.48
CA GLU B 242 31.88 -4.11 8.98
C GLU B 242 30.98 -4.90 9.91
N ARG B 243 31.44 -6.05 10.39
CA ARG B 243 30.59 -6.83 11.29
C ARG B 243 30.50 -6.20 12.68
N ASP B 244 31.58 -5.52 13.11
CA ASP B 244 31.54 -4.77 14.37
C ASP B 244 30.47 -3.70 14.28
N ALA B 245 30.59 -2.81 13.29
CA ALA B 245 29.61 -1.76 13.09
C ALA B 245 28.20 -2.33 12.97
N ALA B 246 28.03 -3.40 12.18
CA ALA B 246 26.70 -3.99 11.99
C ALA B 246 26.10 -4.45 13.32
N ALA B 247 26.91 -5.10 14.16
CA ALA B 247 26.42 -5.58 15.46
C ALA B 247 26.06 -4.43 16.36
N TYR B 248 26.84 -3.33 16.29
CA TYR B 248 26.56 -2.16 17.10
C TYR B 248 25.23 -1.53 16.70
N ILE B 249 25.04 -1.33 15.38
CA ILE B 249 23.79 -0.77 14.87
C ILE B 249 22.64 -1.73 15.08
N ALA B 250 22.87 -3.04 14.91
CA ALA B 250 21.79 -4.01 15.11
C ALA B 250 21.25 -3.92 16.53
N LYS B 251 22.12 -3.71 17.52
CA LYS B 251 21.64 -3.59 18.88
C LYS B 251 20.81 -2.32 19.06
N VAL B 252 21.25 -1.20 18.45
CA VAL B 252 20.46 0.03 18.55
C VAL B 252 19.02 -0.22 18.08
N PHE B 253 18.88 -0.92 16.95
CA PHE B 253 17.57 -1.19 16.37
C PHE B 253 17.06 -2.60 16.69
N GLU B 254 17.38 -3.13 17.87
CA GLU B 254 17.03 -4.52 18.15
C GLU B 254 15.52 -4.71 18.27
N ALA B 255 14.80 -3.67 18.71
CA ALA B 255 13.36 -3.76 18.79
C ALA B 255 12.71 -3.84 17.42
N GLU B 256 13.37 -3.28 16.37
CA GLU B 256 12.83 -3.26 15.02
C GLU B 256 13.18 -4.49 14.22
N LEU B 257 14.32 -5.12 14.50
CA LEU B 257 14.91 -6.12 13.63
C LEU B 257 14.54 -7.57 13.99
N GLY B 258 13.89 -7.79 15.12
CA GLY B 258 13.46 -9.15 15.48
C GLY B 258 14.53 -10.21 15.31
N GLY B 259 15.78 -9.88 15.66
CA GLY B 259 16.87 -10.83 15.56
C GLY B 259 17.43 -11.02 14.16
N HIS B 260 16.89 -10.35 13.15
CA HIS B 260 17.42 -10.45 11.81
C HIS B 260 18.67 -9.57 11.66
N ALA B 261 19.63 -10.08 10.91
CA ALA B 261 20.91 -9.40 10.74
C ALA B 261 20.78 -8.24 9.74
N LEU B 262 21.68 -7.28 9.88
CA LEU B 262 21.85 -6.21 8.91
C LEU B 262 22.99 -6.58 7.98
N VAL B 263 22.76 -6.46 6.68
CA VAL B 263 23.75 -6.88 5.67
C VAL B 263 24.11 -5.67 4.82
N SER B 264 25.41 -5.49 4.61
CA SER B 264 25.92 -4.43 3.76
C SER B 264 26.53 -5.03 2.50
N GLN B 265 26.62 -4.20 1.49
CA GLN B 265 27.26 -4.57 0.23
C GLN B 265 28.76 -4.35 0.34
N PRO B 266 29.60 -5.26 -0.16
CA PRO B 266 31.05 -5.09 -0.02
C PRO B 266 31.51 -3.78 -0.63
N GLY B 267 32.39 -3.08 0.10
CA GLY B 267 32.90 -1.81 -0.32
C GLY B 267 31.93 -0.65 -0.23
N GLN B 268 30.74 -0.84 0.33
CA GLN B 268 29.72 0.22 0.39
C GLN B 268 29.40 0.55 1.85
N GLY B 269 30.38 1.12 2.54
CA GLY B 269 30.26 1.43 3.96
C GLY B 269 29.65 2.80 4.21
N TRP B 270 30.01 3.38 5.36
CA TRP B 270 29.41 4.64 5.78
C TRP B 270 29.91 5.81 4.95
N ARG B 271 29.01 6.73 4.60
CA ARG B 271 29.38 7.85 3.75
C ARG B 271 28.61 9.08 4.18
N ASN B 272 29.17 10.24 3.83
CA ASN B 272 28.40 11.47 3.78
C ASN B 272 27.65 11.50 2.46
N PHE B 273 26.42 12.01 2.48
CA PHE B 273 25.61 11.99 1.27
C PHE B 273 26.08 13.08 0.30
N MET B 274 26.37 12.68 -0.95
CA MET B 274 26.83 13.63 -1.96
C MET B 274 25.62 14.21 -2.67
N THR B 275 25.35 15.48 -2.42
CA THR B 275 24.40 16.24 -3.20
C THR B 275 25.15 16.90 -4.36
N LEU B 276 24.84 16.46 -5.57
CA LEU B 276 25.49 16.88 -6.79
C LEU B 276 24.53 17.74 -7.58
N SER B 277 24.96 18.96 -7.91
CA SER B 277 24.17 19.95 -8.64
C SER B 277 24.95 20.43 -9.86
N ARG B 278 24.23 21.08 -10.78
CA ARG B 278 24.81 21.73 -11.95
C ARG B 278 24.20 23.11 -12.11
N GLU B 279 24.96 24.02 -12.73
CA GLU B 279 24.39 25.34 -13.00
C GLU B 279 23.57 25.36 -14.28
N ARG B 280 23.70 24.34 -15.11
CA ARG B 280 22.85 24.18 -16.29
C ARG B 280 22.89 22.72 -16.69
N ALA B 281 21.86 22.30 -17.43
CA ALA B 281 21.65 20.90 -17.80
C ALA B 281 22.26 20.51 -19.13
N CYS B 282 22.73 21.44 -19.94
CA CYS B 282 23.24 21.01 -21.24
C CYS B 282 24.20 22.05 -21.78
N GLU B 283 25.17 21.56 -22.54
CA GLU B 283 26.12 22.43 -23.22
C GLU B 283 26.54 21.71 -24.50
N GLY B 284 26.34 22.36 -25.65
CA GLY B 284 26.64 21.75 -26.93
C GLY B 284 25.95 20.41 -27.11
N LYS B 285 26.73 19.34 -27.27
CA LYS B 285 26.14 18.02 -27.50
C LYS B 285 25.85 17.25 -26.22
N PHE B 286 26.12 17.82 -25.05
CA PHE B 286 26.03 17.12 -23.79
C PHE B 286 24.82 17.60 -23.02
N VAL B 287 24.01 16.64 -22.57
CA VAL B 287 22.84 16.96 -21.77
C VAL B 287 22.76 15.95 -20.62
N LEU B 288 22.43 16.44 -19.43
CA LEU B 288 22.48 15.67 -18.20
C LEU B 288 21.07 15.33 -17.70
N ILE B 289 20.90 14.09 -17.23
CA ILE B 289 19.67 13.69 -16.58
C ILE B 289 20.00 12.82 -15.37
N GLY B 290 19.02 12.66 -14.49
CA GLY B 290 19.19 11.76 -13.36
C GLY B 290 20.10 12.38 -12.31
N ASP B 291 20.69 11.50 -11.50
CA ASP B 291 21.59 11.94 -10.43
C ASP B 291 22.74 12.78 -10.98
N ALA B 292 23.20 12.50 -12.19
CA ALA B 292 24.28 13.28 -12.80
C ALA B 292 23.90 14.74 -12.91
N LEU B 293 22.61 15.02 -13.16
CA LEU B 293 22.14 16.40 -13.21
C LEU B 293 21.87 16.94 -11.82
N GLN B 294 21.24 16.15 -10.95
CA GLN B 294 20.87 16.58 -9.60
C GLN B 294 20.62 15.35 -8.75
N SER B 295 21.38 15.21 -7.66
CA SER B 295 21.08 14.20 -6.65
C SER B 295 20.53 14.90 -5.42
N GLY B 296 19.73 14.19 -4.66
CA GLY B 296 19.10 14.75 -3.47
C GLY B 296 19.00 13.70 -2.40
N HIS B 297 19.08 14.16 -1.14
CA HIS B 297 19.10 13.26 0.01
C HIS B 297 17.96 12.26 -0.06
N PHE B 298 18.28 11.01 0.29
CA PHE B 298 17.33 9.92 0.15
C PHE B 298 16.17 9.99 1.14
N SER B 299 16.18 10.95 2.07
CA SER B 299 15.10 11.01 3.07
C SER B 299 13.77 11.50 2.47
N ILE B 300 13.74 11.91 1.20
CA ILE B 300 12.45 12.13 0.52
C ILE B 300 12.19 11.10 -0.55
N GLY B 301 13.09 10.13 -0.75
CA GLY B 301 12.77 9.01 -1.64
C GLY B 301 12.41 9.37 -3.07
N HIS B 302 13.05 10.39 -3.63
CA HIS B 302 12.65 10.87 -4.94
C HIS B 302 13.69 10.64 -6.04
N GLY B 303 14.79 9.94 -5.74
CA GLY B 303 15.89 9.88 -6.70
C GLY B 303 15.51 9.21 -8.00
N THR B 304 14.92 8.02 -7.92
CA THR B 304 14.48 7.34 -9.12
C THR B 304 13.32 8.07 -9.79
N THR B 305 12.46 8.70 -9.00
CA THR B 305 11.36 9.47 -9.59
C THR B 305 11.91 10.58 -10.47
N MET B 306 12.89 11.31 -9.93
CA MET B 306 13.48 12.42 -10.68
C MET B 306 14.18 11.93 -11.92
N ALA B 307 14.86 10.78 -11.83
CA ALA B 307 15.46 10.16 -13.00
C ALA B 307 14.42 9.89 -14.06
N VAL B 308 13.28 9.31 -13.66
CA VAL B 308 12.23 9.02 -14.64
C VAL B 308 11.69 10.32 -15.22
N VAL B 309 11.40 11.30 -14.35
CA VAL B 309 10.71 12.49 -14.81
C VAL B 309 11.56 13.27 -15.81
N LEU B 310 12.85 13.44 -15.52
CA LEU B 310 13.69 14.22 -16.42
C LEU B 310 14.06 13.47 -17.69
N ALA B 311 14.17 12.14 -17.62
CA ALA B 311 14.37 11.38 -18.86
C ALA B 311 13.17 11.54 -19.78
N LEU B 312 11.95 11.40 -19.23
CA LEU B 312 10.75 11.63 -20.04
C LEU B 312 10.70 13.06 -20.56
N LEU B 313 11.06 14.05 -19.73
CA LEU B 313 11.10 15.43 -20.22
C LEU B 313 12.09 15.58 -21.37
N LEU B 314 13.23 14.93 -21.30
CA LEU B 314 14.19 15.02 -22.39
C LEU B 314 13.62 14.41 -23.67
N VAL B 315 12.97 13.24 -23.56
CA VAL B 315 12.37 12.60 -24.73
C VAL B 315 11.38 13.55 -25.39
N LYS B 316 10.57 14.23 -24.59
CA LYS B 316 9.57 15.14 -25.12
C LYS B 316 10.23 16.31 -25.86
N THR B 317 11.22 16.95 -25.25
CA THR B 317 11.86 18.09 -25.91
C THR B 317 12.48 17.67 -27.24
N LEU B 318 13.16 16.52 -27.27
CA LEU B 318 13.80 16.10 -28.52
C LEU B 318 12.78 15.67 -29.56
N SER B 319 11.59 15.24 -29.12
CA SER B 319 10.52 14.88 -30.05
C SER B 319 9.82 16.10 -30.60
N ALA B 320 9.81 17.20 -29.85
CA ALA B 320 8.91 18.30 -30.13
C ALA B 320 9.49 19.32 -31.10
N ASP B 321 10.81 19.48 -31.12
CA ASP B 321 11.47 20.42 -32.02
C ASP B 321 12.39 19.70 -32.99
N THR B 322 12.34 20.12 -34.25
CA THR B 322 13.24 19.56 -35.25
C THR B 322 14.68 20.02 -35.06
N ASP B 323 14.91 21.15 -34.38
CA ASP B 323 16.27 21.62 -34.20
C ASP B 323 16.79 21.16 -32.84
N PRO B 324 17.79 20.26 -32.79
CA PRO B 324 18.20 19.71 -31.49
C PRO B 324 18.73 20.74 -30.52
N VAL B 325 19.29 21.85 -31.01
CA VAL B 325 19.81 22.81 -30.05
C VAL B 325 18.68 23.67 -29.49
N ALA B 326 17.57 23.80 -30.22
CA ALA B 326 16.40 24.43 -29.62
C ALA B 326 15.71 23.49 -28.64
N ALA B 327 15.70 22.20 -28.94
CA ALA B 327 15.18 21.21 -28.00
C ALA B 327 15.97 21.23 -26.69
N LEU B 328 17.31 21.29 -26.78
CA LEU B 328 18.13 21.33 -25.58
C LEU B 328 17.93 22.62 -24.81
N ASP B 329 17.75 23.73 -25.52
CA ASP B 329 17.45 24.98 -24.82
C ASP B 329 16.11 24.88 -24.12
N ASN B 330 15.12 24.27 -24.79
CA ASN B 330 13.85 23.96 -24.13
C ASN B 330 14.09 23.08 -22.91
N PHE B 331 14.85 21.99 -23.07
CA PHE B 331 15.07 21.08 -21.96
C PHE B 331 15.76 21.79 -20.80
N ASN B 332 16.86 22.49 -21.09
CA ASN B 332 17.57 23.24 -20.05
C ASN B 332 16.61 24.12 -19.27
N ALA B 333 15.75 24.87 -19.99
CA ALA B 333 14.86 25.81 -19.34
C ALA B 333 13.86 25.11 -18.45
N ARG B 334 13.36 23.94 -18.87
CA ARG B 334 12.37 23.22 -18.07
C ARG B 334 13.01 22.35 -17.00
N ALA B 335 14.13 21.70 -17.32
CA ALA B 335 14.70 20.74 -16.39
C ALA B 335 15.32 21.43 -15.19
N LEU B 336 15.99 22.55 -15.41
CA LEU B 336 16.80 23.12 -14.34
C LEU B 336 15.96 23.57 -13.15
N PRO B 337 14.89 24.35 -13.31
CA PRO B 337 14.08 24.72 -12.12
C PRO B 337 13.54 23.51 -11.39
N LEU B 338 13.08 22.50 -12.14
CA LEU B 338 12.55 21.29 -11.55
C LEU B 338 13.62 20.54 -10.75
N ALA B 339 14.80 20.41 -11.33
CA ALA B 339 15.89 19.74 -10.62
C ALA B 339 16.24 20.46 -9.33
N HIS B 340 16.31 21.79 -9.37
CA HIS B 340 16.70 22.52 -8.18
C HIS B 340 15.57 22.59 -7.16
N LEU B 341 14.32 22.49 -7.60
CA LEU B 341 13.22 22.36 -6.66
C LEU B 341 13.34 21.06 -5.87
N PHE B 342 13.58 19.96 -6.58
CA PHE B 342 13.93 18.69 -5.95
C PHE B 342 15.04 18.88 -4.93
N ARG B 343 16.08 19.64 -5.32
CA ARG B 343 17.21 19.90 -4.42
C ARG B 343 16.78 20.61 -3.15
N ASP B 344 15.97 21.66 -3.27
CA ASP B 344 15.55 22.38 -2.07
C ASP B 344 14.73 21.49 -1.16
N HIS B 345 13.85 20.65 -1.73
CA HIS B 345 13.07 19.73 -0.89
C HIS B 345 13.98 18.71 -0.22
N ALA B 346 14.88 18.08 -0.99
CA ALA B 346 15.82 17.12 -0.43
C ALA B 346 16.70 17.76 0.65
N ASN B 347 17.24 18.94 0.35
CA ASN B 347 18.12 19.62 1.30
C ASN B 347 17.39 19.98 2.59
N SER B 348 16.16 20.52 2.48
CA SER B 348 15.37 20.80 3.68
C SER B 348 15.21 19.54 4.52
N SER B 349 14.87 18.43 3.88
CA SER B 349 14.76 17.18 4.62
C SER B 349 16.09 16.78 5.20
N ARG B 350 17.16 16.78 4.38
CA ARG B 350 18.50 16.48 4.88
C ARG B 350 18.84 17.27 6.14
N LEU B 351 18.63 18.59 6.11
CA LEU B 351 19.04 19.44 7.22
C LEU B 351 18.26 19.11 8.48
N TRP B 352 16.98 18.80 8.33
CA TRP B 352 16.17 18.35 9.46
C TRP B 352 16.78 17.11 10.10
N PHE B 353 17.23 16.14 9.27
CA PHE B 353 17.72 14.88 9.80
C PHE B 353 19.12 14.99 10.36
N GLU B 354 19.84 16.06 10.06
CA GLU B 354 21.14 16.37 10.65
C GLU B 354 21.02 17.05 12.01
N SER B 355 19.82 17.50 12.37
CA SER B 355 19.59 18.27 13.59
C SER B 355 18.57 17.62 14.53
N VAL B 356 18.35 16.31 14.43
CA VAL B 356 17.34 15.66 15.27
C VAL B 356 17.68 15.81 16.75
N ALA B 357 18.97 15.91 17.09
CA ALA B 357 19.38 16.01 18.50
C ALA B 357 18.80 17.23 19.19
N GLU B 358 18.65 18.37 18.47
CA GLU B 358 18.00 19.55 19.02
C GLU B 358 16.52 19.33 19.31
N ARG B 359 15.98 18.19 18.92
CA ARG B 359 14.56 17.96 18.81
C ARG B 359 14.13 16.72 19.57
N MET B 360 15.06 15.89 20.01
CA MET B 360 14.70 14.52 20.37
C MET B 360 13.91 14.42 21.66
N GLU B 361 13.77 15.50 22.43
CA GLU B 361 12.90 15.46 23.60
C GLU B 361 11.42 15.53 23.24
N LEU B 362 11.08 15.90 22.00
CA LEU B 362 9.69 16.04 21.58
C LEU B 362 8.92 14.72 21.70
N SER B 363 7.62 14.83 22.01
CA SER B 363 6.75 13.67 21.97
C SER B 363 6.78 13.06 20.57
N ASN B 364 6.37 11.80 20.47
CA ASN B 364 6.25 11.23 19.13
C ASN B 364 5.35 12.12 18.27
N ALA B 365 4.26 12.61 18.84
CA ALA B 365 3.35 13.43 18.02
C ALA B 365 4.01 14.75 17.60
N ASP B 366 4.73 15.39 18.51
CA ASP B 366 5.43 16.63 18.15
C ASP B 366 6.58 16.38 17.17
N LEU B 367 7.33 15.28 17.35
CA LEU B 367 8.39 14.97 16.39
C LEU B 367 7.79 14.68 15.01
N THR B 368 6.68 13.93 14.98
CA THR B 368 6.00 13.65 13.71
C THR B 368 5.56 14.93 13.03
N ALA B 369 4.96 15.85 13.78
CA ALA B 369 4.52 17.12 13.19
C ALA B 369 5.72 17.94 12.72
N SER B 370 6.80 17.94 13.49
CA SER B 370 8.01 18.62 13.03
C SER B 370 8.52 18.00 11.73
N PHE B 371 8.55 16.66 11.67
CA PHE B 371 8.94 15.97 10.44
C PHE B 371 8.03 16.34 9.27
N ASP B 372 6.71 16.25 9.47
CA ASP B 372 5.76 16.51 8.38
C ASP B 372 5.86 17.94 7.86
N ALA B 373 6.41 18.86 8.64
CA ALA B 373 6.45 20.27 8.24
C ALA B 373 7.81 20.70 7.73
N ARG B 374 8.77 19.76 7.60
CA ARG B 374 10.15 20.13 7.34
C ARG B 374 10.38 20.69 5.93
N ARG B 375 9.40 20.60 5.02
CA ARG B 375 9.55 21.13 3.67
C ARG B 375 8.57 22.27 3.41
N LYS B 376 8.20 23.00 4.47
CA LYS B 376 6.96 23.79 4.51
C LYS B 376 6.98 24.99 3.57
N ASP B 377 8.09 25.71 3.50
CA ASP B 377 8.16 26.96 2.78
C ASP B 377 8.57 26.79 1.32
N LEU B 378 8.27 25.64 0.72
CA LEU B 378 8.74 25.42 -0.63
C LEU B 378 7.56 25.16 -1.54
N PRO B 379 7.65 25.56 -2.82
CA PRO B 379 6.64 25.14 -3.78
C PRO B 379 6.53 23.62 -3.75
N PRO B 380 5.32 23.07 -3.84
CA PRO B 380 5.15 21.63 -3.65
C PRO B 380 5.80 20.85 -4.77
N LEU B 381 6.65 19.90 -4.39
CA LEU B 381 7.39 19.14 -5.39
C LEU B 381 6.46 18.32 -6.27
N GLN B 382 5.45 17.70 -5.67
CA GLN B 382 4.54 16.85 -6.43
C GLN B 382 3.83 17.64 -7.54
N ASP B 383 3.39 18.85 -7.24
CA ASP B 383 2.73 19.68 -8.24
C ASP B 383 3.64 19.85 -9.46
N ALA B 384 4.91 20.17 -9.21
CA ALA B 384 5.80 20.50 -10.31
C ALA B 384 6.18 19.25 -11.09
N LEU B 385 6.35 18.12 -10.41
CA LEU B 385 6.68 16.88 -11.09
C LEU B 385 5.56 16.44 -12.01
N MET B 386 4.33 16.49 -11.52
CA MET B 386 3.19 16.04 -12.32
C MET B 386 2.88 17.01 -13.45
N ALA B 387 3.15 18.30 -13.26
CA ALA B 387 3.02 19.24 -14.37
C ALA B 387 4.04 18.91 -15.45
N SER B 388 5.29 18.65 -15.06
CA SER B 388 6.31 18.28 -16.04
C SER B 388 5.93 17.01 -16.77
N LEU B 389 5.35 16.03 -16.06
CA LEU B 389 4.94 14.78 -16.70
C LEU B 389 3.75 14.97 -17.63
N GLY B 390 2.86 15.91 -17.33
CA GLY B 390 1.80 16.25 -18.27
C GLY B 390 2.35 16.71 -19.60
N TYR B 391 3.25 17.70 -19.57
CA TYR B 391 3.90 18.17 -20.79
C TYR B 391 4.69 17.06 -21.47
N ALA B 392 5.34 16.21 -20.70
CA ALA B 392 6.24 15.21 -21.26
C ALA B 392 5.47 14.06 -21.90
N LEU B 393 4.45 13.55 -21.23
CA LEU B 393 3.64 12.49 -21.79
C LEU B 393 2.48 13.01 -22.66
N GLY B 394 2.37 14.33 -22.83
CA GLY B 394 1.61 14.97 -23.89
C GLY B 394 0.42 14.26 -24.51
#